data_7ZF4
#
_entry.id   7ZF4
#
_cell.length_a   86.574
_cell.length_b   205.147
_cell.length_c   123.052
_cell.angle_alpha   90.000
_cell.angle_beta   90.000
_cell.angle_gamma   90.000
#
_symmetry.space_group_name_H-M   'C 2 2 21'
#
loop_
_entity.id
_entity.type
_entity.pdbx_description
1 polymer 'Nanobody F2'
2 polymer 'Omi-9 heavy chain'
3 polymer 'Omi-9 light chain'
4 polymer 'Spike protein S1'
#
loop_
_entity_poly.entity_id
_entity_poly.type
_entity_poly.pdbx_seq_one_letter_code
_entity_poly.pdbx_strand_id
1 'polypeptide(L)'
;QVQLVESGGGLVQAGGSLRLACIASGRTFHSYVMAWFRQAPGKEREFVAAISWSSTPTYYGESVKGRFTISRDNAKNTVY
LQMNRLKPEDTAVYFCAADRGESYYYTRPTEYEFWGQGTQVTVSSKHHHHHH
;
F
2 'polypeptide(L)'
;QVQLVESGGGVVQPGRSLRLSCAASGFTFRTYAVHWVRQAPGKGPEWVAVISYDGSNKYYADSVKGRFTLSRDTSKNTLY
LQMNSLRAEDTAVYYCASRGDTVTTGDAFDIWGQGTMVTVSSASTKGPSVFPLAPSSKSTSGGTAALGCLVKDYFPEPVT
VSWNSGALTSGVHTFPAVLQSSGLYSLSSVVTVPSSSLGTQTYICNVNHKPSNTKVDKRVEPKSCDK
;
H
3 'polypeptide(L)'
;SYELTQPPSVSVSPGQTARITCSGDALPKQYTYWYQQKPGQPPVLVIYKDSERPSGIPERFSGSSSGTTVTLTISGVQAE
DEADYYCQSTDSSATYPGNVVFGGGTKLTVLGQPKANPTVTLFPPSSEELQANKATLVCLISDFYPGAVTVAWKADSSPV
KAGVETTTPSKQSNNKYAASSYLSLTPEQWKSHRSYSCQVTHEGSTVEKTVAPTECS
;
L
4 'polypeptide(L)'
;HHHHHHTNLCPFDEVFNATRFASVYAWNRKRISNCVADYSVLYNLAPFFTFKCYGVSPTKLNDLCFTNVYADSFVIRGDE
VRQIAPGQTGNIADYNYKLPDDFTGCVIAWNSNKLDSKVSGNYNYLYRLFRKSNLKPFERDISTEIYQAGNKPCNGVAGF
NCYFPLRSYSFRPTYGVGHQPYRVVVLSFELLHAPATVCGKK
;
E
#
# COMPACT_ATOMS: atom_id res chain seq x y z
N GLN A 1 -33.94 16.98 -0.83
CA GLN A 1 -34.65 16.67 -2.07
C GLN A 1 -35.99 17.43 -2.06
N VAL A 2 -36.20 18.27 -3.07
CA VAL A 2 -37.49 18.94 -3.38
C VAL A 2 -38.05 18.31 -4.66
N GLN A 3 -39.34 17.98 -4.66
CA GLN A 3 -40.05 17.57 -5.89
C GLN A 3 -40.86 18.77 -6.40
N LEU A 4 -40.97 18.87 -7.72
CA LEU A 4 -41.67 19.98 -8.40
C LEU A 4 -42.62 19.39 -9.46
N VAL A 5 -43.87 19.80 -9.46
CA VAL A 5 -44.88 19.34 -10.46
C VAL A 5 -45.55 20.55 -11.09
N GLU A 6 -45.36 20.70 -12.40
CA GLU A 6 -46.04 21.68 -13.27
C GLU A 6 -47.46 21.20 -13.58
N SER A 7 -48.39 22.15 -13.74
CA SER A 7 -49.74 21.94 -14.32
C SER A 7 -50.18 23.20 -15.07
N GLY A 8 -51.30 23.13 -15.79
CA GLY A 8 -51.91 24.28 -16.49
C GLY A 8 -51.45 24.40 -17.94
N GLY A 9 -50.66 23.44 -18.44
CA GLY A 9 -50.23 23.44 -19.85
C GLY A 9 -51.32 22.91 -20.76
N GLY A 10 -51.03 22.71 -22.04
CA GLY A 10 -51.98 22.18 -23.03
C GLY A 10 -52.04 23.06 -24.27
N LEU A 11 -53.09 22.84 -25.07
CA LEU A 11 -53.31 23.49 -26.39
C LEU A 11 -53.97 24.86 -26.16
N VAL A 12 -53.57 25.90 -26.87
CA VAL A 12 -54.22 27.23 -26.81
C VAL A 12 -54.01 27.92 -28.15
N GLN A 13 -54.97 28.75 -28.57
CA GLN A 13 -54.90 29.52 -29.84
C GLN A 13 -53.97 30.72 -29.65
N ALA A 14 -53.22 31.06 -30.71
CA ALA A 14 -52.37 32.28 -30.80
C ALA A 14 -53.18 33.48 -30.31
N GLY A 15 -52.54 34.39 -29.57
CA GLY A 15 -53.20 35.53 -28.91
C GLY A 15 -53.88 35.14 -27.62
N GLY A 16 -54.02 33.84 -27.31
CA GLY A 16 -54.66 33.33 -26.08
C GLY A 16 -53.75 33.45 -24.88
N SER A 17 -54.24 32.95 -23.74
CA SER A 17 -53.56 32.97 -22.42
C SER A 17 -53.53 31.58 -21.79
N LEU A 18 -52.54 31.38 -20.93
CA LEU A 18 -52.38 30.19 -20.07
C LEU A 18 -51.69 30.65 -18.79
N ARG A 19 -52.12 30.13 -17.66
CA ARG A 19 -51.37 30.20 -16.39
C ARG A 19 -50.82 28.83 -16.06
N LEU A 20 -49.50 28.67 -16.24
CA LEU A 20 -48.74 27.52 -15.69
C LEU A 20 -48.63 27.71 -14.19
N ALA A 21 -48.73 26.60 -13.45
CA ALA A 21 -48.42 26.57 -12.01
C ALA A 21 -47.42 25.45 -11.74
N CYS A 22 -46.63 25.62 -10.70
CA CYS A 22 -45.69 24.59 -10.25
C CYS A 22 -45.65 24.57 -8.73
N ILE A 23 -45.92 23.42 -8.15
CA ILE A 23 -46.02 23.24 -6.68
C ILE A 23 -44.81 22.41 -6.24
N ALA A 24 -44.18 22.82 -5.12
CA ALA A 24 -42.99 22.19 -4.53
C ALA A 24 -43.41 21.40 -3.27
N SER A 25 -42.71 20.30 -2.99
CA SER A 25 -42.72 19.61 -1.69
C SER A 25 -42.03 20.51 -0.66
N GLY A 26 -42.08 20.11 0.61
CA GLY A 26 -41.26 20.73 1.65
C GLY A 26 -41.99 21.84 2.39
N ARG A 27 -41.42 22.29 3.49
CA ARG A 27 -41.94 23.43 4.28
C ARG A 27 -40.92 24.57 4.23
N THR A 28 -40.02 24.61 3.25
CA THR A 28 -39.04 25.73 3.14
C THR A 28 -39.08 26.34 1.74
N PHE A 29 -40.26 26.35 1.12
CA PHE A 29 -40.48 26.96 -0.20
C PHE A 29 -39.98 28.40 -0.22
N HIS A 30 -40.17 29.16 0.87
CA HIS A 30 -39.76 30.58 0.99
C HIS A 30 -38.24 30.72 0.77
N SER A 31 -37.46 29.65 0.96
CA SER A 31 -35.98 29.70 0.89
C SER A 31 -35.53 29.51 -0.56
N TYR A 32 -36.44 29.27 -1.50
CA TYR A 32 -36.10 28.91 -2.89
C TYR A 32 -36.37 30.09 -3.82
N VAL A 33 -35.38 30.39 -4.65
CA VAL A 33 -35.56 31.11 -5.94
C VAL A 33 -36.26 30.15 -6.89
N MET A 34 -37.38 30.57 -7.48
CA MET A 34 -38.17 29.72 -8.39
C MET A 34 -38.03 30.26 -9.82
N ALA A 35 -37.97 29.36 -10.79
CA ALA A 35 -37.73 29.72 -12.20
C ALA A 35 -38.55 28.84 -13.13
N TRP A 36 -38.78 29.37 -14.32
CA TRP A 36 -39.34 28.69 -15.50
C TRP A 36 -38.31 28.71 -16.63
N PHE A 37 -38.08 27.56 -17.22
CA PHE A 37 -37.34 27.38 -18.47
C PHE A 37 -38.27 26.70 -19.46
N ARG A 38 -37.94 26.74 -20.74
CA ARG A 38 -38.70 25.98 -21.75
C ARG A 38 -37.73 25.39 -22.77
N GLN A 39 -38.21 24.36 -23.46
CA GLN A 39 -37.39 23.64 -24.44
C GLN A 39 -38.28 23.26 -25.61
N ALA A 40 -38.03 23.91 -26.73
CA ALA A 40 -38.59 23.56 -28.05
C ALA A 40 -37.74 22.42 -28.60
N PRO A 41 -38.34 21.52 -29.41
CA PRO A 41 -37.59 20.38 -29.92
C PRO A 41 -36.40 20.85 -30.79
N GLY A 42 -35.23 20.26 -30.55
CA GLY A 42 -33.98 20.59 -31.27
C GLY A 42 -33.21 21.71 -30.61
N LYS A 43 -33.78 22.39 -29.60
CA LYS A 43 -33.11 23.52 -28.91
C LYS A 43 -32.77 23.13 -27.48
N GLU A 44 -31.89 23.92 -26.85
CA GLU A 44 -31.51 23.75 -25.45
C GLU A 44 -32.58 24.38 -24.58
N ARG A 45 -32.55 24.10 -23.28
CA ARG A 45 -33.40 24.77 -22.28
C ARG A 45 -33.09 26.27 -22.30
N GLU A 46 -34.11 27.08 -22.55
CA GLU A 46 -34.05 28.55 -22.68
C GLU A 46 -34.71 29.11 -21.41
N PHE A 47 -34.03 30.05 -20.76
CA PHE A 47 -34.56 30.76 -19.57
C PHE A 47 -35.80 31.56 -19.97
N VAL A 48 -36.86 31.47 -19.16
CA VAL A 48 -38.12 32.20 -19.38
C VAL A 48 -38.28 33.26 -18.29
N ALA A 49 -38.23 32.87 -17.01
CA ALA A 49 -38.50 33.79 -15.87
C ALA A 49 -37.99 33.22 -14.55
N ALA A 50 -37.72 34.11 -13.60
CA ALA A 50 -37.30 33.75 -12.24
C ALA A 50 -37.79 34.81 -11.27
N ILE A 51 -37.98 34.38 -10.02
CA ILE A 51 -38.48 35.23 -8.92
C ILE A 51 -37.68 34.92 -7.64
N SER A 52 -37.16 35.97 -7.02
CA SER A 52 -36.37 35.87 -5.77
C SER A 52 -37.31 35.56 -4.60
N TRP A 53 -36.72 35.34 -3.41
CA TRP A 53 -37.44 34.89 -2.17
C TRP A 53 -38.57 35.86 -1.85
N SER A 54 -38.28 37.17 -1.82
CA SER A 54 -39.21 38.25 -1.43
C SER A 54 -40.21 38.54 -2.53
N SER A 55 -40.05 37.91 -3.70
CA SER A 55 -40.76 38.25 -4.97
C SER A 55 -40.12 39.44 -5.70
N THR A 56 -39.06 40.07 -5.19
CA THR A 56 -38.86 41.52 -5.44
C THR A 56 -37.89 41.80 -6.59
N PRO A 57 -36.82 41.01 -6.82
CA PRO A 57 -36.26 40.96 -8.17
C PRO A 57 -37.06 39.85 -8.88
N THR A 58 -37.73 40.21 -9.99
CA THR A 58 -38.19 39.24 -11.02
C THR A 58 -37.31 39.40 -12.26
N TYR A 59 -37.16 38.34 -13.03
CA TYR A 59 -36.31 38.30 -14.24
C TYR A 59 -37.10 37.62 -15.35
N TYR A 60 -36.86 38.02 -16.59
CA TYR A 60 -37.55 37.56 -17.80
C TYR A 60 -36.55 37.40 -18.94
N GLY A 61 -36.72 36.35 -19.74
CA GLY A 61 -36.03 36.22 -21.05
C GLY A 61 -36.51 37.30 -21.99
N GLU A 62 -35.64 37.71 -22.90
CA GLU A 62 -35.84 38.81 -23.88
C GLU A 62 -37.19 38.62 -24.58
N SER A 63 -37.46 37.41 -25.03
CA SER A 63 -38.55 37.13 -26.02
C SER A 63 -39.90 37.05 -25.31
N VAL A 64 -39.95 37.00 -23.99
CA VAL A 64 -41.23 36.92 -23.24
C VAL A 64 -41.45 38.20 -22.43
N LYS A 65 -40.43 39.05 -22.28
CA LYS A 65 -40.54 40.31 -21.49
C LYS A 65 -41.78 41.07 -21.96
N GLY A 66 -42.65 41.49 -21.03
CA GLY A 66 -43.89 42.24 -21.30
C GLY A 66 -45.11 41.34 -21.45
N ARG A 67 -44.95 40.09 -21.91
CA ARG A 67 -46.09 39.18 -22.19
C ARG A 67 -46.33 38.22 -21.02
N PHE A 68 -45.27 37.84 -20.30
CA PHE A 68 -45.30 36.81 -19.23
C PHE A 68 -45.06 37.47 -17.87
N THR A 69 -45.76 37.02 -16.85
CA THR A 69 -45.61 37.51 -15.45
C THR A 69 -45.38 36.29 -14.56
N ILE A 70 -44.25 36.27 -13.86
CA ILE A 70 -43.97 35.24 -12.83
C ILE A 70 -44.41 35.80 -11.47
N SER A 71 -44.96 34.97 -10.60
CA SER A 71 -45.42 35.33 -9.25
C SER A 71 -45.32 34.06 -8.37
N ARG A 72 -45.33 34.24 -7.06
CA ARG A 72 -45.21 33.10 -6.12
C ARG A 72 -46.24 33.31 -5.02
N ASP A 73 -46.76 32.20 -4.51
CA ASP A 73 -47.62 32.16 -3.31
C ASP A 73 -46.98 31.17 -2.33
N ASN A 74 -46.21 31.70 -1.39
CA ASN A 74 -45.46 30.90 -0.40
C ASN A 74 -46.43 30.03 0.43
N ALA A 75 -47.63 30.52 0.74
CA ALA A 75 -48.63 29.77 1.53
C ALA A 75 -49.04 28.49 0.78
N LYS A 76 -48.91 28.44 -0.55
CA LYS A 76 -49.30 27.28 -1.37
C LYS A 76 -48.10 26.58 -2.00
N ASN A 77 -46.87 26.95 -1.63
CA ASN A 77 -45.65 26.31 -2.20
C ASN A 77 -45.71 26.38 -3.73
N THR A 78 -46.27 27.43 -4.30
CA THR A 78 -46.56 27.48 -5.74
C THR A 78 -45.93 28.74 -6.37
N VAL A 79 -45.30 28.53 -7.54
CA VAL A 79 -44.87 29.60 -8.48
C VAL A 79 -45.79 29.52 -9.70
N TYR A 80 -46.18 30.68 -10.23
CA TYR A 80 -47.11 30.82 -11.38
C TYR A 80 -46.38 31.51 -12.53
N LEU A 81 -46.74 31.14 -13.76
CA LEU A 81 -46.35 31.87 -14.98
C LEU A 81 -47.62 32.22 -15.77
N GLN A 82 -48.02 33.50 -15.72
CA GLN A 82 -49.10 34.08 -16.53
C GLN A 82 -48.50 34.35 -17.91
N MET A 83 -48.98 33.66 -18.94
CA MET A 83 -48.49 33.81 -20.33
C MET A 83 -49.62 34.43 -21.15
N ASN A 84 -49.44 35.69 -21.56
CA ASN A 84 -50.44 36.44 -22.37
C ASN A 84 -49.94 36.57 -23.81
N ARG A 85 -50.86 36.79 -24.74
CA ARG A 85 -50.56 37.10 -26.16
C ARG A 85 -49.57 36.05 -26.66
N LEU A 86 -49.93 34.78 -26.52
CA LEU A 86 -49.06 33.64 -26.89
C LEU A 86 -48.91 33.58 -28.41
N LYS A 87 -47.70 33.27 -28.85
CA LYS A 87 -47.32 33.13 -30.29
C LYS A 87 -46.90 31.70 -30.52
N PRO A 88 -46.99 31.17 -31.77
CA PRO A 88 -46.51 29.82 -32.06
C PRO A 88 -45.08 29.53 -31.56
N GLU A 89 -44.17 30.52 -31.60
CA GLU A 89 -42.75 30.36 -31.13
C GLU A 89 -42.69 30.08 -29.62
N ASP A 90 -43.80 30.20 -28.89
CA ASP A 90 -43.87 29.94 -27.42
C ASP A 90 -44.15 28.45 -27.17
N THR A 91 -44.51 27.69 -28.21
CA THR A 91 -44.73 26.23 -28.12
C THR A 91 -43.44 25.57 -27.62
N ALA A 92 -43.52 24.81 -26.53
CA ALA A 92 -42.36 24.11 -25.93
C ALA A 92 -42.81 23.33 -24.70
N VAL A 93 -41.89 22.53 -24.16
CA VAL A 93 -42.02 21.94 -22.81
C VAL A 93 -41.56 23.03 -21.84
N TYR A 94 -42.39 23.35 -20.85
CA TYR A 94 -42.09 24.35 -19.81
C TYR A 94 -41.71 23.62 -18.53
N PHE A 95 -40.51 23.90 -18.02
CA PHE A 95 -39.91 23.31 -16.81
C PHE A 95 -39.91 24.32 -15.67
N CYS A 96 -40.40 23.86 -14.54
CA CYS A 96 -40.25 24.49 -13.21
C CYS A 96 -38.84 24.21 -12.69
N ALA A 97 -38.19 25.17 -12.07
CA ALA A 97 -36.87 24.91 -11.44
C ALA A 97 -36.75 25.71 -10.14
N ALA A 98 -35.91 25.25 -9.23
CA ALA A 98 -35.74 25.83 -7.89
C ALA A 98 -34.30 25.71 -7.43
N ASP A 99 -33.85 26.73 -6.69
CA ASP A 99 -32.52 26.73 -6.02
C ASP A 99 -32.58 27.60 -4.76
N ARG A 100 -31.78 27.27 -3.78
CA ARG A 100 -31.63 28.09 -2.56
C ARG A 100 -31.01 29.45 -2.91
N GLY A 101 -30.13 29.47 -3.89
CA GLY A 101 -29.37 30.67 -4.26
C GLY A 101 -30.00 31.42 -5.43
N GLU A 102 -29.85 32.75 -5.41
CA GLU A 102 -30.15 33.63 -6.55
C GLU A 102 -28.83 33.89 -7.29
N SER A 103 -28.78 33.50 -8.57
CA SER A 103 -27.56 33.57 -9.41
C SER A 103 -27.48 34.93 -10.11
N TYR A 104 -26.29 35.50 -10.15
CA TYR A 104 -25.97 36.58 -11.10
C TYR A 104 -26.23 36.07 -12.52
N TYR A 105 -25.93 34.80 -12.79
CA TYR A 105 -26.12 34.15 -14.11
C TYR A 105 -27.44 33.35 -14.07
N TYR A 106 -28.53 34.06 -13.80
CA TYR A 106 -29.87 33.50 -13.52
C TYR A 106 -30.41 32.75 -14.73
N THR A 107 -29.86 32.95 -15.94
CA THR A 107 -30.32 32.27 -17.17
C THR A 107 -29.64 30.90 -17.33
N ARG A 108 -28.63 30.57 -16.55
CA ARG A 108 -27.93 29.26 -16.68
C ARG A 108 -28.72 28.14 -16.00
N PRO A 109 -29.11 27.10 -16.75
CA PRO A 109 -29.69 25.90 -16.14
C PRO A 109 -28.87 25.30 -14.98
N THR A 110 -27.54 25.28 -15.10
CA THR A 110 -26.61 24.70 -14.09
C THR A 110 -26.69 25.45 -12.75
N GLU A 111 -27.26 26.66 -12.69
CA GLU A 111 -27.42 27.41 -11.41
C GLU A 111 -28.67 26.95 -10.64
N TYR A 112 -29.47 26.01 -11.16
CA TYR A 112 -30.70 25.52 -10.48
C TYR A 112 -30.55 24.02 -10.16
N GLU A 113 -30.60 23.66 -8.88
CA GLU A 113 -30.41 22.25 -8.45
C GLU A 113 -31.63 21.37 -8.82
N PHE A 114 -32.84 21.87 -8.67
CA PHE A 114 -34.10 21.08 -8.76
C PHE A 114 -34.90 21.46 -9.99
N TRP A 115 -35.39 20.45 -10.71
CA TRP A 115 -36.13 20.56 -11.98
C TRP A 115 -37.39 19.70 -11.95
N GLY A 116 -38.52 20.25 -12.37
CA GLY A 116 -39.70 19.46 -12.73
C GLY A 116 -39.46 18.63 -13.97
N GLN A 117 -40.40 17.76 -14.32
CA GLN A 117 -40.34 16.89 -15.53
C GLN A 117 -40.78 17.69 -16.76
N GLY A 118 -41.49 18.80 -16.56
CA GLY A 118 -41.97 19.69 -17.63
C GLY A 118 -43.39 19.37 -18.06
N THR A 119 -44.06 20.33 -18.70
CA THR A 119 -45.43 20.18 -19.24
C THR A 119 -45.45 20.85 -20.62
N GLN A 120 -46.10 20.22 -21.59
CA GLN A 120 -46.25 20.72 -22.98
C GLN A 120 -47.22 21.92 -22.97
N VAL A 121 -46.78 23.03 -23.57
CA VAL A 121 -47.66 24.13 -24.04
C VAL A 121 -47.59 24.11 -25.57
N THR A 122 -48.75 24.05 -26.24
CA THR A 122 -48.83 24.12 -27.73
C THR A 122 -49.71 25.32 -28.12
N VAL A 123 -49.16 26.22 -28.92
CA VAL A 123 -49.88 27.41 -29.46
C VAL A 123 -50.12 27.18 -30.96
N SER A 124 -51.38 27.11 -31.40
CA SER A 124 -51.80 26.95 -32.82
C SER A 124 -52.43 28.24 -33.34
N VAL B 2 7.54 5.89 -4.23
CA VAL B 2 8.11 6.05 -2.90
C VAL B 2 9.36 5.20 -2.78
N GLN B 3 10.45 5.81 -2.31
CA GLN B 3 11.74 5.14 -2.23
C GLN B 3 12.15 5.05 -0.77
N LEU B 4 12.59 3.85 -0.36
CA LEU B 4 13.06 3.59 0.98
C LEU B 4 14.40 2.87 0.85
N VAL B 5 15.49 3.54 1.22
CA VAL B 5 16.83 3.01 1.05
C VAL B 5 17.40 2.76 2.44
N GLU B 6 17.57 1.49 2.79
CA GLU B 6 18.15 1.11 4.05
C GLU B 6 19.68 1.09 3.96
N SER B 7 20.32 1.24 5.12
CA SER B 7 21.76 1.21 5.21
C SER B 7 22.14 0.98 6.66
N GLY B 8 23.44 0.80 6.89
CA GLY B 8 23.94 0.52 8.22
C GLY B 8 23.93 -0.94 8.61
N GLY B 9 23.59 -1.84 7.69
CA GLY B 9 23.55 -3.26 7.99
C GLY B 9 24.89 -3.92 7.71
N GLY B 10 25.27 -4.83 8.61
CA GLY B 10 26.51 -5.56 8.47
C GLY B 10 26.74 -6.54 9.60
N VAL B 11 28.01 -6.78 9.90
CA VAL B 11 28.41 -7.67 10.99
C VAL B 11 28.44 -6.88 12.29
N VAL B 12 28.13 -7.57 13.39
CA VAL B 12 28.21 -7.01 14.72
C VAL B 12 28.29 -8.16 15.72
N GLN B 13 29.20 -8.02 16.69
CA GLN B 13 29.36 -9.06 17.68
C GLN B 13 28.29 -8.95 18.76
N PRO B 14 27.98 -10.06 19.45
CA PRO B 14 26.98 -10.00 20.50
C PRO B 14 27.36 -9.00 21.59
N GLY B 15 26.35 -8.32 22.12
CA GLY B 15 26.55 -7.29 23.13
C GLY B 15 26.86 -5.92 22.58
N ARG B 16 27.26 -5.83 21.31
CA ARG B 16 27.57 -4.54 20.70
C ARG B 16 26.29 -3.85 20.23
N SER B 17 26.46 -2.71 19.58
CA SER B 17 25.35 -1.89 19.12
C SER B 17 25.47 -1.61 17.64
N LEU B 18 24.33 -1.28 17.02
CA LEU B 18 24.28 -0.95 15.61
C LEU B 18 23.17 0.06 15.37
N ARG B 19 23.34 0.88 14.34
CA ARG B 19 22.40 1.95 14.01
C ARG B 19 22.04 1.83 12.53
N LEU B 20 20.79 1.48 12.26
CA LEU B 20 20.29 1.43 10.89
C LEU B 20 19.73 2.80 10.48
N SER B 21 19.61 3.00 9.18
CA SER B 21 19.10 4.26 8.65
C SER B 21 18.27 3.99 7.41
N CYS B 22 17.14 4.68 7.32
CA CYS B 22 16.21 4.59 6.19
C CYS B 22 16.02 5.97 5.59
N ALA B 23 16.25 6.09 4.29
CA ALA B 23 16.24 7.37 3.60
C ALA B 23 15.03 7.42 2.68
N ALA B 24 13.97 8.09 3.14
CA ALA B 24 12.71 8.13 2.43
C ALA B 24 12.70 9.24 1.38
N SER B 25 12.00 9.00 0.28
CA SER B 25 11.90 9.95 -0.81
C SER B 25 10.59 9.73 -1.56
N GLY B 26 10.11 10.79 -2.19
CA GLY B 26 8.89 10.73 -2.98
C GLY B 26 7.60 10.88 -2.20
N PHE B 27 7.66 11.46 -1.01
CA PHE B 27 6.46 11.78 -0.23
C PHE B 27 6.89 12.62 0.97
N THR B 28 5.95 13.43 1.48
CA THR B 28 6.22 14.27 2.64
C THR B 28 6.49 13.40 3.86
N PHE B 29 7.75 13.01 4.03
CA PHE B 29 8.16 12.14 5.14
C PHE B 29 7.95 12.83 6.49
N ARG B 30 7.57 14.10 6.47
CA ARG B 30 7.35 14.85 7.70
C ARG B 30 5.93 14.75 8.25
N THR B 31 5.06 14.06 7.54
CA THR B 31 3.68 13.91 7.98
C THR B 31 3.32 12.44 8.24
N TYR B 32 4.01 11.52 7.58
CA TYR B 32 3.67 10.11 7.74
C TYR B 32 4.40 9.47 8.91
N ALA B 33 3.91 8.31 9.33
CA ALA B 33 4.48 7.49 10.38
C ALA B 33 5.37 6.43 9.77
N VAL B 34 6.33 5.94 10.55
CA VAL B 34 7.37 5.06 10.03
C VAL B 34 7.46 3.77 10.84
N HIS B 35 7.77 2.68 10.14
CA HIS B 35 7.81 1.34 10.70
C HIS B 35 9.20 0.73 10.55
N TRP B 36 9.47 -0.27 11.37
CA TRP B 36 10.62 -1.15 11.21
C TRP B 36 10.13 -2.59 11.32
N VAL B 37 10.47 -3.42 10.33
CA VAL B 37 10.09 -4.82 10.31
C VAL B 37 11.34 -5.66 10.00
N ARG B 38 11.45 -6.80 10.65
CA ARG B 38 12.56 -7.71 10.41
C ARG B 38 12.04 -9.10 10.09
N GLN B 39 12.93 -9.95 9.56
CA GLN B 39 12.61 -11.33 9.25
C GLN B 39 13.89 -12.15 9.39
N ALA B 40 13.93 -13.01 10.41
CA ALA B 40 15.09 -13.85 10.65
C ALA B 40 15.18 -14.95 9.61
N PRO B 41 16.37 -15.53 9.40
CA PRO B 41 16.51 -16.57 8.38
C PRO B 41 15.64 -17.78 8.68
N GLY B 42 14.83 -18.17 7.70
CA GLY B 42 13.92 -19.29 7.84
C GLY B 42 12.69 -19.03 8.66
N LYS B 43 12.48 -17.80 9.14
CA LYS B 43 11.38 -17.47 10.03
C LYS B 43 10.39 -16.57 9.31
N GLY B 44 9.29 -16.23 10.01
CA GLY B 44 8.27 -15.38 9.47
C GLY B 44 8.48 -13.92 9.83
N PRO B 45 7.55 -13.08 9.37
CA PRO B 45 7.69 -11.65 9.54
C PRO B 45 7.42 -11.24 10.98
N GLU B 46 8.13 -10.22 11.45
CA GLU B 46 8.02 -9.75 12.83
C GLU B 46 8.10 -8.23 12.85
N TRP B 47 7.04 -7.59 13.33
CA TRP B 47 7.00 -6.13 13.46
C TRP B 47 7.87 -5.69 14.63
N VAL B 48 8.71 -4.67 14.40
CA VAL B 48 9.68 -4.23 15.40
C VAL B 48 9.20 -3.00 16.14
N ALA B 49 8.95 -1.91 15.42
CA ALA B 49 8.64 -0.63 16.07
C ALA B 49 7.92 0.28 15.09
N VAL B 50 7.33 1.34 15.63
CA VAL B 50 6.66 2.37 14.84
C VAL B 50 6.85 3.71 15.52
N ILE B 51 6.83 4.78 14.72
CA ILE B 51 6.95 6.14 15.24
C ILE B 51 5.89 7.03 14.59
N SER B 52 5.49 8.06 15.33
CA SER B 52 4.47 8.99 14.86
C SER B 52 5.09 10.04 13.94
N TYR B 53 4.27 11.00 13.51
CA TYR B 53 4.72 12.00 12.53
C TYR B 53 5.80 12.91 13.09
N ASP B 54 5.74 13.22 14.39
CA ASP B 54 6.66 14.18 15.00
C ASP B 54 7.76 13.51 15.82
N GLY B 55 7.75 12.20 15.93
CA GLY B 55 8.72 11.50 16.76
C GLY B 55 8.38 11.44 18.23
N SER B 56 7.20 11.90 18.62
CA SER B 56 6.86 11.99 20.04
C SER B 56 6.44 10.65 20.62
N ASN B 57 5.69 9.86 19.87
CA ASN B 57 5.17 8.58 20.35
C ASN B 57 5.82 7.42 19.61
N LYS B 58 6.38 6.49 20.38
CA LYS B 58 7.05 5.31 19.84
C LYS B 58 6.45 4.06 20.50
N TYR B 59 6.30 3.00 19.71
CA TYR B 59 5.78 1.74 20.21
C TYR B 59 6.64 0.61 19.68
N TYR B 60 7.01 -0.33 20.55
CA TYR B 60 7.92 -1.40 20.22
C TYR B 60 7.24 -2.76 20.37
N ALA B 61 8.02 -3.81 20.23
CA ALA B 61 7.59 -5.18 20.50
C ALA B 61 8.36 -5.72 21.69
N ASP B 62 7.71 -6.63 22.44
CA ASP B 62 8.32 -7.17 23.65
C ASP B 62 9.67 -7.83 23.37
N SER B 63 9.87 -8.33 22.15
CA SER B 63 11.14 -8.96 21.81
C SER B 63 12.29 -7.95 21.75
N VAL B 64 11.98 -6.66 21.60
CA VAL B 64 12.99 -5.62 21.45
C VAL B 64 12.86 -4.50 22.46
N LYS B 65 11.88 -4.58 23.37
CA LYS B 65 11.63 -3.49 24.31
C LYS B 65 12.83 -3.26 25.23
N GLY B 66 13.15 -1.99 25.45
CA GLY B 66 14.27 -1.63 26.29
C GLY B 66 15.64 -1.95 25.72
N ARG B 67 15.70 -2.42 24.47
CA ARG B 67 16.96 -2.82 23.87
C ARG B 67 17.12 -2.12 22.52
N PHE B 68 16.00 -1.81 21.87
CA PHE B 68 15.99 -1.00 20.66
C PHE B 68 15.39 0.36 20.95
N THR B 69 15.75 1.33 20.11
CA THR B 69 15.22 2.68 20.19
C THR B 69 15.01 3.20 18.78
N LEU B 70 13.83 3.74 18.50
CA LEU B 70 13.50 4.28 17.19
C LEU B 70 13.41 5.79 17.28
N SER B 71 13.99 6.47 16.29
CA SER B 71 14.00 7.93 16.23
C SER B 71 13.94 8.34 14.77
N ARG B 72 13.82 9.64 14.55
CA ARG B 72 13.73 10.17 13.19
C ARG B 72 14.27 11.59 13.17
N ASP B 73 14.67 12.02 11.98
CA ASP B 73 15.16 13.39 11.74
C ASP B 73 14.47 13.89 10.47
N THR B 74 13.33 14.56 10.65
CA THR B 74 12.53 14.99 9.51
C THR B 74 13.25 16.00 8.63
N SER B 75 14.26 16.70 9.15
CA SER B 75 15.04 17.59 8.30
C SER B 75 15.84 16.80 7.27
N LYS B 76 16.48 15.72 7.69
CA LYS B 76 17.25 14.86 6.81
C LYS B 76 16.40 13.80 6.12
N ASN B 77 15.10 13.73 6.44
CA ASN B 77 14.19 12.74 5.86
C ASN B 77 14.71 11.32 6.04
N THR B 78 15.20 11.02 7.24
CA THR B 78 15.78 9.71 7.53
C THR B 78 15.20 9.16 8.83
N LEU B 79 15.04 7.84 8.86
CA LEU B 79 14.51 7.11 10.00
C LEU B 79 15.61 6.23 10.60
N TYR B 80 15.68 6.23 11.93
CA TYR B 80 16.75 5.53 12.63
C TYR B 80 16.20 4.40 13.49
N LEU B 81 17.08 3.44 13.77
CA LEU B 81 16.76 2.34 14.69
C LEU B 81 18.04 2.00 15.43
N GLN B 82 18.19 2.53 16.64
CA GLN B 82 19.35 2.23 17.47
C GLN B 82 19.16 0.86 18.10
N MET B 83 20.01 -0.09 17.74
CA MET B 83 19.93 -1.46 18.24
C MET B 83 21.08 -1.67 19.22
N ASN B 84 20.77 -1.67 20.50
CA ASN B 84 21.74 -1.88 21.55
C ASN B 84 21.69 -3.32 22.04
N SER B 85 22.85 -3.84 22.43
CA SER B 85 22.98 -5.19 23.00
C SER B 85 22.28 -6.22 22.10
N LEU B 86 22.85 -6.39 20.92
CA LEU B 86 22.26 -7.28 19.91
C LEU B 86 22.59 -8.73 20.21
N ARG B 87 21.58 -9.58 20.15
CA ARG B 87 21.74 -11.02 20.29
C ARG B 87 21.65 -11.69 18.93
N ALA B 88 21.88 -13.01 18.92
CA ALA B 88 21.83 -13.75 17.67
C ALA B 88 20.42 -13.81 17.10
N GLU B 89 19.41 -13.70 17.96
CA GLU B 89 18.03 -13.67 17.48
C GLU B 89 17.74 -12.44 16.63
N ASP B 90 18.54 -11.38 16.76
CA ASP B 90 18.34 -10.17 15.99
C ASP B 90 18.87 -10.25 14.57
N THR B 91 19.64 -11.30 14.24
CA THR B 91 20.13 -11.49 12.88
C THR B 91 18.95 -11.66 11.93
N ALA B 92 18.71 -10.67 11.08
CA ALA B 92 17.53 -10.67 10.22
C ALA B 92 17.74 -9.66 9.10
N VAL B 93 16.78 -9.62 8.18
CA VAL B 93 16.72 -8.62 7.13
C VAL B 93 15.71 -7.56 7.58
N TYR B 94 16.21 -6.36 7.89
CA TYR B 94 15.37 -5.30 8.44
C TYR B 94 14.85 -4.41 7.32
N TYR B 95 13.54 -4.20 7.30
CA TYR B 95 12.89 -3.30 6.38
C TYR B 95 12.34 -2.10 7.14
N CYS B 96 12.38 -0.94 6.50
CA CYS B 96 11.60 0.21 6.95
C CYS B 96 10.34 0.30 6.09
N ALA B 97 9.28 0.86 6.66
CA ALA B 97 7.99 0.89 5.99
C ALA B 97 7.28 2.20 6.27
N SER B 98 6.56 2.69 5.26
CA SER B 98 5.82 3.93 5.38
C SER B 98 4.45 3.81 6.09
N ARG B 99 3.49 4.58 5.60
CA ARG B 99 2.15 4.58 6.17
C ARG B 99 1.10 4.90 5.11
N GLY B 100 0.50 3.87 4.54
CA GLY B 100 -0.52 4.05 3.51
C GLY B 100 -1.41 2.81 3.38
N ASP B 101 -2.69 2.98 3.65
CA ASP B 101 -3.65 1.88 3.57
C ASP B 101 -4.92 2.32 2.86
N THR B 102 -5.97 1.52 2.99
CA THR B 102 -7.26 1.83 2.36
C THR B 102 -8.40 1.11 3.06
N VAL B 103 -9.27 1.88 3.71
CA VAL B 103 -10.42 1.33 4.42
C VAL B 103 -11.49 2.39 4.64
N ALA B 108 -2.26 -1.66 7.62
CA ALA B 108 -1.49 -0.45 7.91
C ALA B 108 -0.28 -0.34 7.00
N PHE B 109 0.20 -1.49 6.51
CA PHE B 109 1.36 -1.52 5.63
C PHE B 109 1.08 -0.76 4.33
N ASP B 110 2.07 -0.01 3.86
CA ASP B 110 1.93 0.76 2.64
C ASP B 110 3.03 0.45 1.64
N ILE B 111 4.27 0.83 1.99
CA ILE B 111 5.42 0.60 1.11
C ILE B 111 6.58 0.08 1.96
N TRP B 112 7.28 -0.93 1.43
CA TRP B 112 8.43 -1.52 2.09
C TRP B 112 9.70 -1.20 1.32
N GLY B 113 10.80 -1.03 2.07
CA GLY B 113 12.11 -0.92 1.47
C GLY B 113 12.67 -2.26 1.04
N GLN B 114 13.78 -2.21 0.31
CA GLN B 114 14.44 -3.43 -0.13
C GLN B 114 15.07 -4.19 1.02
N GLY B 115 15.40 -3.51 2.11
CA GLY B 115 15.86 -4.15 3.32
C GLY B 115 17.36 -4.33 3.39
N THR B 116 17.95 -4.05 4.56
CA THR B 116 19.34 -4.33 4.83
C THR B 116 19.44 -5.50 5.80
N MET B 117 20.56 -6.21 5.75
CA MET B 117 20.76 -7.42 6.55
C MET B 117 21.74 -7.13 7.67
N VAL B 118 21.37 -7.55 8.88
CA VAL B 118 22.22 -7.40 10.06
C VAL B 118 22.58 -8.79 10.55
N THR B 119 23.88 -9.05 10.69
CA THR B 119 24.39 -10.36 11.09
C THR B 119 25.09 -10.23 12.43
N VAL B 120 24.54 -10.88 13.46
CA VAL B 120 25.07 -10.82 14.81
C VAL B 120 25.91 -12.08 15.01
N SER B 121 27.21 -11.94 14.82
CA SER B 121 28.13 -13.07 14.99
C SER B 121 29.42 -12.66 15.71
N SER B 122 30.41 -13.56 15.75
CA SER B 122 31.67 -13.26 16.43
C SER B 122 32.90 -14.06 15.99
N ALA B 123 32.28 -14.95 15.11
CA ALA B 123 33.36 -15.93 14.88
C ALA B 123 34.62 -15.33 14.25
N SER B 124 35.79 -15.89 14.58
CA SER B 124 37.05 -15.39 14.03
C SER B 124 37.67 -16.23 12.93
N THR B 125 38.57 -15.61 12.16
CA THR B 125 39.23 -16.30 11.04
C THR B 125 39.86 -17.61 11.48
N LYS B 126 39.63 -18.66 10.72
CA LYS B 126 40.08 -20.01 11.07
C LYS B 126 40.20 -20.82 9.79
N GLY B 127 41.35 -21.45 9.59
CA GLY B 127 41.54 -22.27 8.41
C GLY B 127 40.86 -23.62 8.56
N PRO B 128 40.50 -24.25 7.45
CA PRO B 128 39.74 -25.52 7.53
C PRO B 128 40.62 -26.71 7.88
N SER B 129 39.98 -27.69 8.49
CA SER B 129 40.50 -29.05 8.55
CA SER B 129 40.55 -29.02 8.50
C SER B 129 39.98 -29.75 7.30
N VAL B 130 40.77 -30.62 6.71
CA VAL B 130 40.36 -31.25 5.45
C VAL B 130 40.45 -32.76 5.63
N PHE B 131 39.33 -33.45 5.48
CA PHE B 131 39.22 -34.89 5.68
C PHE B 131 38.74 -35.59 4.42
N PRO B 132 39.12 -36.84 4.22
CA PRO B 132 38.63 -37.56 3.05
C PRO B 132 37.22 -38.08 3.24
N LEU B 133 36.46 -38.04 2.14
CA LEU B 133 35.17 -38.74 2.03
C LEU B 133 35.48 -39.96 1.17
N ALA B 134 35.67 -41.10 1.82
CA ALA B 134 36.29 -42.24 1.17
C ALA B 134 35.34 -42.82 0.14
N PRO B 135 35.87 -43.32 -0.98
CA PRO B 135 35.01 -43.73 -2.10
C PRO B 135 33.91 -44.69 -1.70
N SER B 136 32.73 -44.40 -2.25
CA SER B 136 31.49 -45.07 -1.95
C SER B 136 30.80 -45.33 -3.28
N SER B 137 30.08 -46.45 -3.37
CA SER B 137 29.38 -46.78 -4.61
C SER B 137 28.30 -45.73 -4.90
N LYS B 138 28.39 -45.08 -6.06
CA LYS B 138 27.37 -44.12 -6.46
C LYS B 138 26.28 -44.80 -7.28
N SER B 139 26.57 -45.11 -8.54
CA SER B 139 25.68 -45.89 -9.39
C SER B 139 26.34 -47.24 -9.64
N THR B 140 25.77 -48.30 -9.07
CA THR B 140 26.27 -49.64 -9.35
C THR B 140 26.12 -49.95 -10.83
N SER B 141 24.93 -49.71 -11.39
CA SER B 141 24.70 -49.97 -12.81
C SER B 141 25.60 -49.12 -13.68
N GLY B 142 25.93 -47.90 -13.24
CA GLY B 142 26.79 -47.01 -13.99
C GLY B 142 28.27 -47.27 -13.84
N GLY B 143 28.65 -48.09 -12.87
CA GLY B 143 30.05 -48.38 -12.62
C GLY B 143 30.83 -47.24 -12.00
N THR B 144 30.17 -46.32 -11.30
CA THR B 144 30.84 -45.15 -10.74
C THR B 144 30.90 -45.21 -9.23
N ALA B 145 31.85 -44.44 -8.70
CA ALA B 145 32.01 -44.21 -7.28
C ALA B 145 32.06 -42.72 -7.02
N ALA B 146 31.66 -42.32 -5.84
CA ALA B 146 31.78 -40.95 -5.38
C ALA B 146 32.83 -40.91 -4.27
N LEU B 147 33.73 -39.94 -4.37
CA LEU B 147 34.75 -39.73 -3.35
C LEU B 147 34.91 -38.22 -3.18
N GLY B 148 35.43 -37.78 -2.05
CA GLY B 148 35.46 -36.33 -1.89
C GLY B 148 36.31 -35.87 -0.73
N CYS B 149 36.16 -34.59 -0.43
CA CYS B 149 36.81 -33.98 0.72
C CYS B 149 35.80 -33.18 1.50
N LEU B 150 35.87 -33.34 2.80
CA LEU B 150 35.15 -32.55 3.78
C LEU B 150 36.05 -31.42 4.23
N VAL B 151 35.61 -30.20 4.03
CA VAL B 151 36.38 -28.99 4.37
C VAL B 151 35.67 -28.38 5.57
N LYS B 152 36.24 -28.57 6.75
CA LYS B 152 35.48 -28.46 8.00
C LYS B 152 35.96 -27.28 8.82
N ASP B 153 35.02 -26.58 9.44
CA ASP B 153 35.30 -25.68 10.55
C ASP B 153 36.20 -24.50 10.16
N TYR B 154 35.81 -23.79 9.12
CA TYR B 154 36.55 -22.61 8.67
C TYR B 154 35.71 -21.34 8.78
N PHE B 155 36.41 -20.20 8.75
CA PHE B 155 35.71 -18.92 8.75
C PHE B 155 36.67 -17.87 8.24
N PRO B 156 36.25 -16.90 7.41
CA PRO B 156 34.93 -16.76 6.78
C PRO B 156 34.86 -17.55 5.48
N GLU B 157 33.70 -17.52 4.84
CA GLU B 157 33.56 -17.96 3.45
C GLU B 157 34.31 -17.00 2.57
N PRO B 158 34.70 -17.42 1.34
CA PRO B 158 34.51 -18.76 0.76
C PRO B 158 35.80 -19.56 0.82
N VAL B 159 35.71 -20.78 0.38
CA VAL B 159 36.90 -21.56 0.10
CA VAL B 159 36.87 -21.62 0.11
C VAL B 159 36.81 -21.97 -1.37
N THR B 160 37.97 -22.14 -1.99
CA THR B 160 38.04 -22.64 -3.36
C THR B 160 38.53 -24.09 -3.31
N VAL B 161 37.90 -24.96 -4.08
CA VAL B 161 38.30 -26.36 -4.18
C VAL B 161 38.52 -26.72 -5.64
N SER B 162 39.63 -27.35 -5.94
CA SER B 162 39.87 -28.00 -7.23
C SER B 162 40.28 -29.43 -6.97
N TRP B 163 40.40 -30.20 -8.04
CA TRP B 163 40.82 -31.58 -7.99
C TRP B 163 42.00 -31.81 -8.92
N ASN B 164 43.00 -32.53 -8.40
CA ASN B 164 44.20 -32.86 -9.17
C ASN B 164 44.82 -31.61 -9.81
N SER B 165 44.80 -30.51 -9.06
CA SER B 165 45.43 -29.25 -9.48
C SER B 165 44.84 -28.74 -10.79
N GLY B 166 43.55 -29.00 -10.99
CA GLY B 166 42.86 -28.52 -12.17
C GLY B 166 42.82 -29.51 -13.31
N ALA B 167 43.50 -30.66 -13.19
CA ALA B 167 43.47 -31.70 -14.21
C ALA B 167 42.19 -32.52 -14.17
N LEU B 168 41.46 -32.52 -13.06
CA LEU B 168 40.22 -33.28 -12.94
C LEU B 168 39.10 -32.27 -12.75
N THR B 169 38.26 -32.15 -13.78
CA THR B 169 37.17 -31.20 -13.79
C THR B 169 35.81 -31.82 -14.08
N SER B 170 35.76 -32.94 -14.76
CA SER B 170 34.49 -33.57 -15.08
C SER B 170 33.97 -34.36 -13.89
N GLY B 171 32.67 -34.28 -13.63
CA GLY B 171 32.08 -35.02 -12.52
C GLY B 171 32.35 -34.43 -11.15
N VAL B 172 32.75 -33.18 -11.06
CA VAL B 172 33.02 -32.53 -9.78
C VAL B 172 31.75 -31.81 -9.32
N HIS B 173 31.42 -31.97 -8.06
CA HIS B 173 30.31 -31.24 -7.47
C HIS B 173 30.76 -30.71 -6.12
N THR B 174 30.98 -29.41 -6.02
CA THR B 174 31.28 -28.77 -4.75
C THR B 174 29.99 -28.18 -4.21
N PHE B 175 29.58 -28.62 -3.01
CA PHE B 175 28.30 -28.26 -2.43
C PHE B 175 28.42 -26.95 -1.67
N PRO B 176 27.36 -26.15 -1.66
CA PRO B 176 27.33 -24.97 -0.79
C PRO B 176 27.59 -25.35 0.67
N ALA B 177 28.23 -24.44 1.40
CA ALA B 177 28.62 -24.68 2.78
C ALA B 177 27.42 -24.62 3.71
N VAL B 178 27.52 -25.33 4.82
CA VAL B 178 26.61 -25.20 5.94
C VAL B 178 27.23 -24.27 6.97
N LEU B 179 26.40 -23.43 7.59
CA LEU B 179 26.83 -22.64 8.74
C LEU B 179 26.43 -23.40 10.00
N GLN B 180 27.43 -23.84 10.76
CA GLN B 180 27.16 -24.62 11.97
C GLN B 180 26.85 -23.71 13.15
N SER B 181 26.29 -24.30 14.22
CA SER B 181 25.96 -23.51 15.40
C SER B 181 27.19 -22.93 16.08
N SER B 182 28.37 -23.49 15.79
CA SER B 182 29.60 -22.94 16.30
C SER B 182 29.97 -21.62 15.64
N GLY B 183 29.30 -21.27 14.55
CA GLY B 183 29.67 -20.10 13.80
C GLY B 183 30.66 -20.37 12.68
N LEU B 184 31.14 -21.60 12.58
CA LEU B 184 32.07 -21.99 11.53
C LEU B 184 31.33 -22.68 10.40
N TYR B 185 31.92 -22.65 9.22
CA TYR B 185 31.37 -23.28 8.02
C TYR B 185 32.00 -24.63 7.78
N SER B 186 31.26 -25.47 7.08
CA SER B 186 31.82 -26.69 6.50
C SER B 186 31.22 -26.87 5.12
N LEU B 187 32.02 -27.43 4.21
CA LEU B 187 31.49 -27.83 2.91
C LEU B 187 32.08 -29.15 2.50
N SER B 188 31.52 -29.72 1.45
CA SER B 188 32.05 -30.93 0.84
C SER B 188 32.17 -30.76 -0.65
N SER B 189 33.20 -31.37 -1.22
CA SER B 189 33.37 -31.45 -2.66
C SER B 189 33.53 -32.91 -3.02
N VAL B 190 32.79 -33.37 -4.02
CA VAL B 190 32.79 -34.78 -4.41
C VAL B 190 33.07 -34.88 -5.91
N VAL B 191 33.80 -35.91 -6.30
CA VAL B 191 33.97 -36.26 -7.70
CA VAL B 191 33.98 -36.26 -7.70
C VAL B 191 33.42 -37.66 -7.92
N THR B 192 32.70 -37.84 -9.03
CA THR B 192 32.17 -39.11 -9.45
C THR B 192 33.10 -39.66 -10.52
N VAL B 193 33.67 -40.84 -10.28
CA VAL B 193 34.73 -41.41 -11.11
C VAL B 193 34.42 -42.88 -11.39
N PRO B 194 35.09 -43.50 -12.36
CA PRO B 194 34.87 -44.94 -12.54
C PRO B 194 35.40 -45.70 -11.34
N SER B 195 34.60 -46.66 -10.85
CA SER B 195 35.03 -47.46 -9.72
C SER B 195 36.32 -48.21 -10.04
N SER B 196 36.49 -48.63 -11.29
CA SER B 196 37.70 -49.34 -11.69
C SER B 196 38.96 -48.50 -11.53
N SER B 197 38.83 -47.17 -11.44
CA SER B 197 40.00 -46.30 -11.36
C SER B 197 40.54 -46.18 -9.96
N LEU B 198 39.82 -46.67 -8.94
CA LEU B 198 40.22 -46.40 -7.57
C LEU B 198 41.56 -47.02 -7.21
N GLY B 199 41.94 -48.14 -7.82
CA GLY B 199 43.27 -48.63 -7.50
C GLY B 199 44.41 -48.03 -8.30
N THR B 200 44.12 -47.21 -9.31
CA THR B 200 45.15 -46.80 -10.26
C THR B 200 45.32 -45.30 -10.39
N GLN B 201 44.25 -44.51 -10.29
CA GLN B 201 44.35 -43.07 -10.40
C GLN B 201 44.37 -42.47 -8.99
N THR B 202 45.21 -41.48 -8.78
CA THR B 202 45.25 -40.74 -7.53
C THR B 202 44.31 -39.53 -7.59
N TYR B 203 43.58 -39.30 -6.51
CA TYR B 203 42.63 -38.19 -6.42
C TYR B 203 43.01 -37.31 -5.25
N ILE B 204 43.27 -36.02 -5.52
CA ILE B 204 43.71 -35.05 -4.53
C ILE B 204 42.83 -33.82 -4.64
N CYS B 205 42.20 -33.43 -3.55
CA CYS B 205 41.50 -32.16 -3.56
C CYS B 205 42.42 -31.05 -3.09
N ASN B 206 42.36 -29.93 -3.77
CA ASN B 206 43.18 -28.75 -3.50
C ASN B 206 42.27 -27.69 -2.90
N VAL B 207 42.49 -27.37 -1.63
CA VAL B 207 41.64 -26.47 -0.86
C VAL B 207 42.42 -25.17 -0.61
N ASN B 208 41.83 -24.01 -0.95
CA ASN B 208 42.48 -22.73 -0.66
C ASN B 208 41.53 -21.86 0.12
N HIS B 209 41.96 -21.48 1.31
CA HIS B 209 41.22 -20.55 2.15
C HIS B 209 42.13 -19.36 2.39
N LYS B 210 42.04 -18.39 1.48
CA LYS B 210 42.98 -17.26 1.55
C LYS B 210 42.89 -16.43 2.82
N PRO B 211 41.72 -16.24 3.45
CA PRO B 211 41.70 -15.38 4.65
C PRO B 211 42.58 -15.87 5.77
N SER B 212 42.84 -17.18 5.82
CA SER B 212 43.72 -17.76 6.83
C SER B 212 45.05 -18.19 6.24
N ASN B 213 45.29 -17.89 4.96
CA ASN B 213 46.51 -18.28 4.27
C ASN B 213 46.70 -19.79 4.26
N THR B 214 45.61 -20.53 4.21
CA THR B 214 45.65 -21.98 4.28
C THR B 214 45.44 -22.54 2.88
N LYS B 215 46.38 -23.34 2.41
CA LYS B 215 46.31 -23.94 1.09
C LYS B 215 46.82 -25.36 1.27
N VAL B 216 45.91 -26.32 1.21
CA VAL B 216 46.29 -27.71 1.49
C VAL B 216 45.73 -28.62 0.41
N ASP B 217 46.39 -29.75 0.24
CA ASP B 217 46.02 -30.78 -0.72
C ASP B 217 45.83 -32.09 0.03
N LYS B 218 44.67 -32.72 -0.13
CA LYS B 218 44.36 -33.94 0.58
C LYS B 218 44.14 -35.07 -0.42
N ARG B 219 44.98 -36.10 -0.34
CA ARG B 219 44.85 -37.29 -1.17
C ARG B 219 43.75 -38.15 -0.55
N VAL B 220 42.81 -38.58 -1.37
CA VAL B 220 41.64 -39.35 -0.95
C VAL B 220 41.86 -40.78 -1.39
N GLU B 221 42.34 -41.61 -0.48
CA GLU B 221 42.64 -42.98 -0.81
C GLU B 221 41.41 -43.87 -0.61
N PRO B 222 41.34 -44.98 -1.34
CA PRO B 222 40.23 -45.91 -1.15
C PRO B 222 40.53 -46.81 0.03
N LYS B 223 40.25 -46.34 1.24
CA LYS B 223 40.57 -47.07 2.46
C LYS B 223 39.69 -46.53 3.59
N SER B 224 39.56 -47.32 4.65
CA SER B 224 38.83 -46.90 5.84
C SER B 224 39.71 -46.58 7.04
N TYR C 2 0.78 -16.84 18.92
CA TYR C 2 -0.12 -17.15 17.81
C TYR C 2 0.65 -17.27 16.50
N GLU C 3 0.26 -18.24 15.66
CA GLU C 3 1.02 -18.57 14.47
C GLU C 3 0.11 -18.78 13.28
N LEU C 4 0.62 -18.41 12.10
CA LEU C 4 0.00 -18.71 10.82
C LEU C 4 0.82 -19.78 10.13
N THR C 5 0.14 -20.75 9.54
CA THR C 5 0.79 -21.92 8.95
C THR C 5 0.58 -21.93 7.44
N GLN C 6 1.68 -21.91 6.69
CA GLN C 6 1.59 -22.09 5.26
C GLN C 6 2.59 -23.15 4.84
N PRO C 7 2.35 -23.84 3.73
CA PRO C 7 3.26 -24.92 3.29
C PRO C 7 4.61 -24.35 2.90
N PRO C 8 5.70 -25.07 3.17
CA PRO C 8 7.02 -24.53 2.80
C PRO C 8 7.20 -24.34 1.30
N SER C 9 6.57 -25.18 0.47
CA SER C 9 6.82 -25.13 -0.96
C SER C 9 5.57 -25.58 -1.73
N VAL C 10 5.33 -24.93 -2.88
CA VAL C 10 4.28 -25.31 -3.82
C VAL C 10 4.90 -25.20 -5.21
N SER C 11 4.61 -26.18 -6.06
CA SER C 11 5.03 -26.03 -7.45
C SER C 11 3.84 -26.20 -8.39
N VAL C 12 3.92 -25.51 -9.52
CA VAL C 12 2.89 -25.51 -10.55
C VAL C 12 3.58 -25.37 -11.89
N SER C 13 2.92 -25.89 -12.96
CA SER C 13 3.43 -25.64 -14.30
C SER C 13 2.88 -24.32 -14.83
N PRO C 14 3.60 -23.68 -15.76
CA PRO C 14 3.08 -22.45 -16.38
C PRO C 14 1.68 -22.67 -16.93
N GLY C 15 0.79 -21.71 -16.66
CA GLY C 15 -0.57 -21.77 -17.15
C GLY C 15 -1.53 -22.44 -16.20
N GLN C 16 -1.05 -23.18 -15.22
CA GLN C 16 -1.93 -23.78 -14.23
C GLN C 16 -2.32 -22.73 -13.19
N THR C 17 -3.23 -23.11 -12.31
CA THR C 17 -3.64 -22.24 -11.20
C THR C 17 -2.84 -22.63 -9.97
N ALA C 18 -2.11 -21.66 -9.41
CA ALA C 18 -1.38 -21.90 -8.18
C ALA C 18 -2.27 -21.53 -7.01
N ARG C 19 -2.23 -22.34 -5.95
CA ARG C 19 -2.94 -22.04 -4.71
C ARG C 19 -1.98 -22.19 -3.55
N ILE C 20 -1.95 -21.17 -2.68
CA ILE C 20 -1.15 -21.22 -1.46
C ILE C 20 -2.08 -20.95 -0.30
N THR C 21 -2.10 -21.85 0.67
CA THR C 21 -2.98 -21.68 1.82
C THR C 21 -2.21 -21.13 3.01
N CYS C 22 -2.96 -20.54 3.93
CA CYS C 22 -2.42 -20.00 5.18
C CYS C 22 -3.49 -20.24 6.23
N SER C 23 -3.14 -20.92 7.31
CA SER C 23 -4.11 -21.31 8.33
C SER C 23 -3.76 -20.67 9.67
N GLY C 24 -4.80 -20.33 10.43
CA GLY C 24 -4.60 -19.80 11.77
C GLY C 24 -5.90 -19.64 12.51
N ASP C 25 -5.87 -19.86 13.83
CA ASP C 25 -7.08 -19.88 14.63
C ASP C 25 -7.77 -18.52 14.67
N ALA C 26 -7.02 -17.44 14.50
CA ALA C 26 -7.57 -16.10 14.59
C ALA C 26 -8.03 -15.55 13.25
N LEU C 27 -7.80 -16.28 12.15
CA LEU C 27 -8.21 -15.79 10.84
C LEU C 27 -9.72 -15.56 10.66
N PRO C 28 -10.63 -16.28 11.31
CA PRO C 28 -12.06 -16.04 10.99
C PRO C 28 -12.50 -14.59 11.10
N LYS C 29 -12.06 -13.85 12.11
CA LYS C 29 -12.43 -12.46 12.27
C LYS C 29 -11.23 -11.53 12.27
N GLN C 30 -10.14 -11.93 11.62
CA GLN C 30 -9.02 -11.05 11.33
C GLN C 30 -8.79 -11.07 9.82
N TYR C 31 -8.44 -9.94 9.26
CA TYR C 31 -8.10 -9.92 7.85
C TYR C 31 -6.72 -10.51 7.61
N THR C 32 -6.56 -11.12 6.44
CA THR C 32 -5.26 -11.61 6.00
C THR C 32 -4.74 -10.77 4.83
N TYR C 33 -3.41 -10.82 4.67
CA TYR C 33 -2.67 -10.05 3.66
C TYR C 33 -1.62 -10.96 3.09
N TRP C 34 -1.28 -10.76 1.82
CA TRP C 34 -0.27 -11.58 1.16
C TRP C 34 0.81 -10.71 0.54
N TYR C 35 2.06 -11.14 0.70
CA TYR C 35 3.21 -10.44 0.14
C TYR C 35 4.01 -11.37 -0.76
N GLN C 36 4.49 -10.84 -1.87
CA GLN C 36 5.41 -11.54 -2.75
C GLN C 36 6.82 -11.02 -2.53
N GLN C 37 7.81 -11.91 -2.50
CA GLN C 37 9.18 -11.48 -2.35
C GLN C 37 10.09 -12.24 -3.31
N LYS C 38 10.79 -11.51 -4.17
CA LYS C 38 11.76 -12.08 -5.09
C LYS C 38 13.15 -11.83 -4.56
N PRO C 39 14.16 -12.57 -5.01
CA PRO C 39 15.48 -12.44 -4.40
C PRO C 39 16.04 -11.04 -4.53
N GLY C 40 16.68 -10.58 -3.46
CA GLY C 40 17.28 -9.26 -3.42
C GLY C 40 16.32 -8.12 -3.24
N GLN C 41 15.02 -8.39 -3.08
CA GLN C 41 14.02 -7.34 -3.07
C GLN C 41 13.22 -7.34 -1.78
N PRO C 42 12.67 -6.17 -1.46
CA PRO C 42 11.69 -6.08 -0.41
C PRO C 42 10.38 -6.76 -0.82
N PRO C 43 9.59 -7.20 0.15
CA PRO C 43 8.25 -7.70 -0.14
C PRO C 43 7.37 -6.68 -0.83
N VAL C 44 6.39 -7.21 -1.57
CA VAL C 44 5.38 -6.42 -2.29
C VAL C 44 4.00 -6.94 -1.91
N LEU C 45 3.11 -6.05 -1.48
CA LEU C 45 1.74 -6.44 -1.16
C LEU C 45 0.99 -6.88 -2.42
N VAL C 46 0.44 -8.09 -2.43
CA VAL C 46 -0.32 -8.56 -3.59
C VAL C 46 -1.81 -8.79 -3.31
N ILE C 47 -2.21 -9.02 -2.07
CA ILE C 47 -3.63 -9.14 -1.70
C ILE C 47 -3.80 -8.54 -0.31
N TYR C 48 -4.88 -7.79 -0.09
CA TYR C 48 -5.14 -7.26 1.24
C TYR C 48 -6.59 -7.50 1.62
N LYS C 49 -6.87 -7.48 2.92
CA LYS C 49 -8.23 -7.68 3.43
C LYS C 49 -8.87 -8.92 2.80
N ASP C 50 -8.09 -10.02 2.84
CA ASP C 50 -8.49 -11.36 2.38
C ASP C 50 -8.54 -11.51 0.87
N SER C 51 -9.12 -10.53 0.16
CA SER C 51 -9.48 -10.76 -1.23
C SER C 51 -9.39 -9.51 -2.11
N GLU C 52 -8.89 -8.38 -1.61
CA GLU C 52 -8.75 -7.19 -2.42
C GLU C 52 -7.36 -7.12 -3.02
N ARG C 53 -7.27 -6.60 -4.22
CA ARG C 53 -6.04 -6.59 -4.99
C ARG C 53 -5.57 -5.16 -5.15
N PRO C 54 -4.32 -4.85 -4.79
CA PRO C 54 -3.81 -3.50 -5.04
C PRO C 54 -3.85 -3.20 -6.53
N SER C 55 -4.03 -1.92 -6.84
CA SER C 55 -4.38 -1.52 -8.20
C SER C 55 -3.28 -1.80 -9.22
N GLY C 56 -2.02 -1.93 -8.79
CA GLY C 56 -0.95 -2.22 -9.74
C GLY C 56 -0.59 -3.66 -9.91
N ILE C 57 -1.29 -4.58 -9.23
CA ILE C 57 -0.96 -6.00 -9.24
C ILE C 57 -1.79 -6.68 -10.32
N PRO C 58 -1.21 -7.63 -11.08
CA PRO C 58 -1.98 -8.31 -12.14
C PRO C 58 -3.27 -8.95 -11.62
N GLU C 59 -4.31 -8.88 -12.45
CA GLU C 59 -5.58 -9.39 -12.00
C GLU C 59 -5.63 -10.91 -11.88
N ARG C 60 -4.61 -11.65 -12.34
CA ARG C 60 -4.57 -13.08 -12.11
C ARG C 60 -4.35 -13.43 -10.64
N PHE C 61 -3.99 -12.46 -9.79
CA PHE C 61 -3.87 -12.68 -8.36
C PHE C 61 -5.21 -12.45 -7.70
N SER C 62 -5.65 -13.41 -6.90
CA SER C 62 -6.87 -13.26 -6.13
C SER C 62 -6.72 -13.92 -4.77
N GLY C 63 -7.63 -13.61 -3.86
CA GLY C 63 -7.59 -14.17 -2.53
C GLY C 63 -8.98 -14.56 -2.07
N SER C 64 -9.04 -15.55 -1.18
CA SER C 64 -10.33 -15.97 -0.64
C SER C 64 -10.15 -16.41 0.80
N SER C 65 -11.25 -16.36 1.55
CA SER C 65 -11.29 -16.68 2.96
C SER C 65 -12.30 -17.80 3.21
N SER C 66 -11.92 -18.75 4.05
CA SER C 66 -12.87 -19.77 4.51
C SER C 66 -12.49 -20.11 5.95
N GLY C 67 -13.01 -19.33 6.87
CA GLY C 67 -12.84 -19.63 8.27
C GLY C 67 -11.39 -19.47 8.66
N THR C 68 -10.79 -20.57 9.10
CA THR C 68 -9.43 -20.55 9.62
C THR C 68 -8.37 -20.72 8.54
N THR C 69 -8.76 -20.80 7.27
CA THR C 69 -7.80 -20.88 6.18
C THR C 69 -8.11 -19.81 5.14
N VAL C 70 -7.07 -19.09 4.71
CA VAL C 70 -7.15 -18.19 3.56
C VAL C 70 -6.26 -18.72 2.45
N THR C 71 -6.61 -18.38 1.20
CA THR C 71 -5.92 -18.90 0.04
C THR C 71 -5.55 -17.76 -0.90
N LEU C 72 -4.30 -17.77 -1.36
CA LEU C 72 -3.83 -16.90 -2.44
C LEU C 72 -3.89 -17.76 -3.71
N THR C 73 -4.62 -17.28 -4.72
CA THR C 73 -4.78 -18.02 -5.97
C THR C 73 -4.17 -17.19 -7.09
N ILE C 74 -3.32 -17.81 -7.90
CA ILE C 74 -2.79 -17.17 -9.08
C ILE C 74 -3.25 -17.98 -10.28
N SER C 75 -4.18 -17.44 -11.06
CA SER C 75 -4.65 -18.15 -12.23
C SER C 75 -3.68 -17.93 -13.38
N GLY C 76 -3.60 -18.91 -14.27
CA GLY C 76 -2.76 -18.76 -15.45
C GLY C 76 -1.37 -18.33 -15.06
N VAL C 77 -0.74 -19.07 -14.16
CA VAL C 77 0.50 -18.63 -13.53
C VAL C 77 1.61 -18.45 -14.57
N GLN C 78 2.41 -17.41 -14.37
CA GLN C 78 3.48 -17.04 -15.28
C GLN C 78 4.83 -17.30 -14.60
N ALA C 79 5.88 -17.45 -15.42
CA ALA C 79 7.21 -17.70 -14.86
C ALA C 79 7.62 -16.59 -13.88
N GLU C 80 7.25 -15.35 -14.16
CA GLU C 80 7.57 -14.22 -13.32
C GLU C 80 6.86 -14.27 -11.96
N ASP C 81 5.89 -15.16 -11.77
CA ASP C 81 5.23 -15.29 -10.47
C ASP C 81 6.00 -16.18 -9.50
N GLU C 82 7.05 -16.85 -9.94
CA GLU C 82 7.91 -17.59 -9.04
C GLU C 82 8.54 -16.64 -8.03
N ALA C 83 8.36 -16.93 -6.74
CA ALA C 83 8.72 -16.03 -5.67
C ALA C 83 8.41 -16.73 -4.35
N ASP C 84 8.84 -16.12 -3.25
CA ASP C 84 8.35 -16.47 -1.93
C ASP C 84 7.10 -15.66 -1.65
N TYR C 85 6.12 -16.29 -1.02
CA TYR C 85 4.88 -15.62 -0.64
C TYR C 85 4.66 -15.77 0.84
N TYR C 86 4.32 -14.66 1.51
CA TYR C 86 4.09 -14.64 2.95
C TYR C 86 2.67 -14.18 3.21
N CYS C 87 1.96 -14.94 4.03
CA CYS C 87 0.72 -14.42 4.56
C CYS C 87 0.98 -13.66 5.86
N GLN C 88 0.05 -12.78 6.20
CA GLN C 88 0.20 -11.91 7.36
C GLN C 88 -1.18 -11.59 7.92
N SER C 89 -1.27 -11.50 9.24
CA SER C 89 -2.51 -11.09 9.88
C SER C 89 -2.11 -10.50 11.22
N THR C 90 -2.94 -10.79 12.22
CA THR C 90 -2.69 -10.38 13.59
C THR C 90 -3.30 -11.43 14.50
N ASP C 91 -2.92 -11.38 15.77
CA ASP C 91 -3.59 -12.19 16.79
C ASP C 91 -4.89 -11.44 17.19
N SER C 92 -5.80 -12.15 17.85
CA SER C 92 -7.07 -11.55 18.27
C SER C 92 -7.01 -11.03 19.71
N SER C 93 -5.92 -10.33 20.04
CA SER C 93 -5.76 -9.77 21.38
C SER C 93 -4.72 -8.64 21.37
N ALA C 94 -4.17 -8.34 22.54
CA ALA C 94 -3.17 -7.29 22.67
C ALA C 94 -1.86 -7.69 22.01
N VAL C 100 1.13 -8.03 14.97
CA VAL C 100 1.15 -8.49 13.59
C VAL C 100 1.91 -9.81 13.56
N VAL C 101 1.44 -10.76 12.74
CA VAL C 101 2.12 -12.05 12.59
C VAL C 101 2.28 -12.36 11.12
N PHE C 102 3.44 -12.90 10.74
CA PHE C 102 3.65 -13.43 9.40
C PHE C 102 3.69 -14.95 9.44
N GLY C 103 3.15 -15.59 8.40
CA GLY C 103 3.41 -16.99 8.16
C GLY C 103 4.88 -17.22 7.83
N GLY C 104 5.26 -18.49 7.77
CA GLY C 104 6.66 -18.80 7.55
C GLY C 104 7.16 -18.68 6.13
N GLY C 105 6.27 -18.40 5.18
CA GLY C 105 6.61 -18.28 3.77
C GLY C 105 6.42 -19.57 3.00
N THR C 106 6.05 -19.41 1.74
CA THR C 106 5.92 -20.52 0.79
C THR C 106 6.76 -20.19 -0.42
N LYS C 107 7.71 -21.05 -0.79
CA LYS C 107 8.40 -20.88 -2.06
C LYS C 107 7.53 -21.44 -3.18
N LEU C 108 7.09 -20.58 -4.08
CA LEU C 108 6.33 -21.01 -5.26
C LEU C 108 7.29 -21.18 -6.43
N THR C 109 7.46 -22.41 -6.88
CA THR C 109 8.22 -22.69 -8.09
C THR C 109 7.28 -22.83 -9.28
N VAL C 110 7.55 -22.09 -10.33
CA VAL C 110 6.83 -22.27 -11.60
C VAL C 110 7.73 -23.15 -12.45
N GLY C 112 9.55 -27.58 -15.13
CA GLY C 112 10.24 -27.37 -16.38
C GLY C 112 10.94 -28.62 -16.88
N GLN C 113 10.82 -29.70 -16.13
CA GLN C 113 11.39 -30.98 -16.45
C GLN C 113 10.72 -32.05 -15.59
N PRO C 114 10.92 -33.33 -15.85
CA PRO C 114 10.27 -34.35 -15.02
C PRO C 114 10.78 -34.30 -13.57
N LYS C 115 9.88 -34.66 -12.65
CA LYS C 115 10.30 -34.85 -11.26
C LYS C 115 11.42 -35.89 -11.19
N ALA C 116 12.33 -35.67 -10.24
CA ALA C 116 13.54 -36.48 -10.11
C ALA C 116 13.82 -36.68 -8.62
N ASN C 117 13.95 -37.95 -8.22
CA ASN C 117 14.24 -38.25 -6.83
C ASN C 117 15.72 -37.96 -6.53
N PRO C 118 16.04 -37.67 -5.26
CA PRO C 118 17.44 -37.35 -4.91
C PRO C 118 18.35 -38.56 -5.03
N THR C 119 19.57 -38.30 -5.46
CA THR C 119 20.68 -39.20 -5.27
C THR C 119 21.28 -38.87 -3.92
N VAL C 120 21.52 -39.89 -3.10
CA VAL C 120 22.01 -39.68 -1.74
C VAL C 120 23.30 -40.48 -1.57
N THR C 121 24.36 -39.81 -1.12
CA THR C 121 25.59 -40.49 -0.75
C THR C 121 25.90 -40.13 0.69
N LEU C 122 26.12 -41.15 1.51
CA LEU C 122 26.45 -40.99 2.92
C LEU C 122 27.86 -41.48 3.18
N PHE C 123 28.69 -40.64 3.79
CA PHE C 123 30.06 -40.95 4.13
C PHE C 123 30.25 -41.05 5.64
N PRO C 124 31.01 -42.04 6.11
CA PRO C 124 31.34 -42.14 7.53
C PRO C 124 32.48 -41.21 7.88
N PRO C 125 32.76 -41.03 9.17
CA PRO C 125 33.96 -40.26 9.56
C PRO C 125 35.23 -40.97 9.11
N SER C 126 36.23 -40.17 8.78
CA SER C 126 37.54 -40.68 8.41
C SER C 126 38.34 -41.07 9.66
N SER C 127 39.31 -41.97 9.45
CA SER C 127 40.18 -42.35 10.56
C SER C 127 40.91 -41.13 11.13
N GLU C 128 41.35 -40.20 10.26
CA GLU C 128 42.09 -39.07 10.78
C GLU C 128 41.21 -38.13 11.60
N GLU C 129 39.93 -37.98 11.24
CA GLU C 129 39.06 -37.18 12.09
C GLU C 129 38.83 -37.84 13.44
N LEU C 130 38.65 -39.18 13.43
CA LEU C 130 38.52 -39.89 14.71
C LEU C 130 39.77 -39.72 15.56
N GLN C 131 40.95 -39.72 14.92
CA GLN C 131 42.18 -39.45 15.65
C GLN C 131 42.20 -38.06 16.28
N ALA C 132 41.57 -37.09 15.63
CA ALA C 132 41.39 -35.71 16.10
C ALA C 132 40.27 -35.59 17.13
N ASN C 133 39.70 -36.73 17.57
CA ASN C 133 38.69 -36.75 18.63
C ASN C 133 37.36 -36.16 18.18
N LYS C 134 37.05 -36.29 16.89
CA LYS C 134 35.80 -35.78 16.31
C LYS C 134 35.23 -36.83 15.37
N ALA C 135 33.99 -36.63 14.94
CA ALA C 135 33.37 -37.56 13.99
C ALA C 135 32.25 -36.83 13.29
N THR C 136 32.32 -36.74 11.98
CA THR C 136 31.29 -36.09 11.18
C THR C 136 30.80 -37.06 10.13
N LEU C 137 29.50 -37.30 10.10
CA LEU C 137 28.85 -38.02 9.01
C LEU C 137 28.32 -37.01 8.01
N VAL C 138 28.50 -37.31 6.72
CA VAL C 138 28.22 -36.36 5.65
C VAL C 138 27.24 -36.99 4.69
N CYS C 139 26.04 -36.38 4.58
CA CYS C 139 24.98 -36.86 3.70
C CYS C 139 24.81 -35.84 2.57
N LEU C 140 25.21 -36.22 1.36
CA LEU C 140 25.18 -35.35 0.20
C LEU C 140 24.01 -35.75 -0.70
N ILE C 141 23.20 -34.76 -1.06
CA ILE C 141 21.90 -34.99 -1.68
C ILE C 141 21.89 -34.19 -2.97
N SER C 142 21.69 -34.85 -4.11
CA SER C 142 21.81 -34.16 -5.38
C SER C 142 20.79 -34.60 -6.41
N ASP C 143 20.66 -33.78 -7.45
CA ASP C 143 19.85 -34.10 -8.63
C ASP C 143 18.38 -34.29 -8.30
N PHE C 144 17.85 -33.57 -7.33
CA PHE C 144 16.42 -33.70 -7.03
C PHE C 144 15.62 -32.54 -7.60
N TYR C 145 14.38 -32.82 -7.97
CA TYR C 145 13.51 -31.80 -8.55
C TYR C 145 12.08 -32.23 -8.35
N PRO C 146 11.19 -31.38 -7.83
CA PRO C 146 11.42 -30.01 -7.37
C PRO C 146 12.42 -29.92 -6.20
N GLY C 147 12.80 -28.68 -5.92
CA GLY C 147 13.89 -28.41 -4.99
C GLY C 147 13.51 -28.30 -3.53
N ALA C 148 12.89 -29.34 -2.97
CA ALA C 148 12.59 -29.37 -1.54
C ALA C 148 12.75 -30.79 -1.04
N VAL C 149 13.47 -30.94 0.06
CA VAL C 149 13.65 -32.22 0.75
C VAL C 149 13.60 -31.99 2.24
N THR C 150 13.32 -33.06 2.97
CA THR C 150 13.55 -33.09 4.40
C THR C 150 14.47 -34.25 4.72
N VAL C 151 15.28 -34.10 5.76
CA VAL C 151 16.32 -35.04 6.12
C VAL C 151 16.08 -35.49 7.54
N ALA C 152 16.18 -36.79 7.78
CA ALA C 152 16.11 -37.36 9.11
C ALA C 152 17.29 -38.28 9.32
N TRP C 153 17.88 -38.25 10.51
CA TRP C 153 19.00 -39.12 10.81
C TRP C 153 18.59 -40.13 11.87
N LYS C 154 19.26 -41.29 11.83
CA LYS C 154 19.00 -42.36 12.79
C LYS C 154 20.31 -42.92 13.29
N ALA C 155 20.36 -43.17 14.60
CA ALA C 155 21.43 -43.90 15.25
C ALA C 155 20.86 -45.29 15.46
N ASP C 156 21.41 -46.30 14.79
CA ASP C 156 20.73 -47.59 14.68
C ASP C 156 19.30 -47.32 14.21
N SER C 157 18.30 -47.74 14.96
CA SER C 157 16.92 -47.50 14.56
C SER C 157 16.31 -46.23 15.18
N SER C 158 17.06 -45.50 16.02
CA SER C 158 16.49 -44.41 16.83
C SER C 158 16.69 -43.06 16.15
N PRO C 159 15.70 -42.18 16.12
CA PRO C 159 15.91 -40.84 15.57
C PRO C 159 16.96 -40.10 16.36
N VAL C 160 17.78 -39.33 15.66
CA VAL C 160 18.74 -38.44 16.31
C VAL C 160 18.53 -37.05 15.74
N LYS C 161 18.32 -36.08 16.63
CA LYS C 161 18.15 -34.69 16.24
C LYS C 161 19.33 -33.80 16.64
N ALA C 162 20.04 -34.15 17.72
CA ALA C 162 21.15 -33.32 18.16
C ALA C 162 22.31 -33.47 17.19
N GLY C 163 23.02 -32.37 16.98
CA GLY C 163 24.22 -32.37 16.15
C GLY C 163 23.97 -32.41 14.67
N VAL C 164 22.75 -32.12 14.21
CA VAL C 164 22.41 -32.12 12.80
C VAL C 164 22.42 -30.70 12.27
N GLU C 165 23.08 -30.50 11.13
N GLU C 165 23.07 -30.48 11.13
CA GLU C 165 23.10 -29.23 10.42
CA GLU C 165 22.99 -29.19 10.46
C GLU C 165 22.82 -29.54 8.96
C GLU C 165 22.87 -29.44 8.96
N THR C 166 21.81 -28.90 8.38
CA THR C 166 21.39 -29.18 7.02
C THR C 166 21.30 -27.88 6.24
N THR C 167 21.81 -27.87 5.03
CA THR C 167 21.74 -26.67 4.19
C THR C 167 20.37 -26.51 3.55
N THR C 168 20.09 -25.29 3.15
N THR C 168 20.12 -25.27 3.11
CA THR C 168 19.01 -25.07 2.24
CA THR C 168 19.01 -24.96 2.21
C THR C 168 19.30 -25.77 0.92
C THR C 168 19.30 -25.54 0.82
N PRO C 169 18.28 -26.08 0.14
CA PRO C 169 18.52 -26.58 -1.22
C PRO C 169 19.00 -25.46 -2.12
N SER C 170 19.88 -25.80 -3.05
CA SER C 170 20.43 -24.84 -3.99
C SER C 170 20.35 -25.41 -5.41
N LYS C 171 20.05 -24.56 -6.39
CA LYS C 171 19.90 -25.03 -7.76
C LYS C 171 21.27 -25.30 -8.37
N GLN C 172 21.36 -26.43 -9.08
CA GLN C 172 22.51 -26.90 -9.83
C GLN C 172 22.46 -26.39 -11.26
N SER C 173 23.56 -26.57 -11.99
CA SER C 173 23.61 -26.12 -13.38
C SER C 173 22.64 -26.87 -14.29
N ASN C 174 22.14 -28.03 -13.87
CA ASN C 174 21.17 -28.78 -14.66
C ASN C 174 19.74 -28.49 -14.23
N ASN C 175 19.54 -27.46 -13.41
CA ASN C 175 18.23 -27.01 -12.92
C ASN C 175 17.60 -27.95 -11.90
N LYS C 176 18.25 -29.05 -11.56
CA LYS C 176 17.89 -29.81 -10.39
C LYS C 176 18.58 -29.20 -9.17
N TYR C 177 18.45 -29.80 -8.00
CA TYR C 177 18.87 -29.16 -6.76
C TYR C 177 19.75 -30.09 -5.94
N ALA C 178 20.51 -29.46 -5.06
CA ALA C 178 21.46 -30.10 -4.15
C ALA C 178 21.26 -29.59 -2.74
N ALA C 179 21.61 -30.42 -1.76
CA ALA C 179 21.63 -30.03 -0.36
C ALA C 179 22.60 -30.97 0.34
N SER C 180 23.00 -30.58 1.56
CA SER C 180 23.87 -31.45 2.34
C SER C 180 23.44 -31.42 3.80
N SER C 181 23.68 -32.52 4.50
CA SER C 181 23.35 -32.60 5.92
C SER C 181 24.53 -33.23 6.63
N TYR C 182 24.87 -32.70 7.80
CA TYR C 182 26.06 -33.11 8.57
C TYR C 182 25.58 -33.52 9.95
N LEU C 183 26.05 -34.67 10.42
CA LEU C 183 25.78 -35.12 11.78
C LEU C 183 27.10 -35.20 12.54
N SER C 184 27.20 -34.42 13.61
CA SER C 184 28.39 -34.42 14.46
C SER C 184 28.20 -35.36 15.63
N LEU C 185 29.17 -36.26 15.83
CA LEU C 185 29.14 -37.24 16.92
C LEU C 185 30.48 -37.22 17.65
N THR C 186 30.51 -37.77 18.86
CA THR C 186 31.81 -38.11 19.44
C THR C 186 32.29 -39.41 18.82
N PRO C 187 33.59 -39.66 18.81
CA PRO C 187 34.05 -40.98 18.36
C PRO C 187 33.42 -42.12 19.14
N GLU C 188 33.15 -41.92 20.43
CA GLU C 188 32.55 -42.98 21.23
C GLU C 188 31.13 -43.27 20.77
N GLN C 189 30.35 -42.24 20.45
CA GLN C 189 29.02 -42.47 19.90
C GLN C 189 29.09 -43.23 18.59
N TRP C 190 29.95 -42.79 17.69
CA TRP C 190 30.07 -43.44 16.39
C TRP C 190 30.39 -44.92 16.56
N LYS C 191 31.34 -45.25 17.42
CA LYS C 191 31.77 -46.64 17.58
C LYS C 191 30.77 -47.50 18.33
N SER C 192 29.90 -46.90 19.13
CA SER C 192 29.01 -47.67 20.00
C SER C 192 27.72 -48.09 19.32
N HIS C 193 27.43 -47.59 18.12
CA HIS C 193 26.26 -48.00 17.36
C HIS C 193 26.67 -48.94 16.24
N ARG C 194 25.72 -49.77 15.83
CA ARG C 194 25.95 -50.67 14.70
C ARG C 194 25.92 -49.93 13.38
N SER C 195 25.11 -48.88 13.25
CA SER C 195 25.09 -48.09 12.04
C SER C 195 24.42 -46.76 12.33
N TYR C 196 24.60 -45.84 11.40
CA TYR C 196 23.82 -44.60 11.33
C TYR C 196 23.23 -44.48 9.93
N SER C 197 22.09 -43.81 9.83
CA SER C 197 21.42 -43.64 8.54
C SER C 197 20.99 -42.20 8.33
N CYS C 198 21.02 -41.80 7.06
CA CYS C 198 20.46 -40.54 6.59
C CYS C 198 19.29 -40.86 5.68
N GLN C 199 18.11 -40.29 5.97
CA GLN C 199 16.89 -40.58 5.23
C GLN C 199 16.40 -39.27 4.63
N VAL C 200 16.27 -39.23 3.32
CA VAL C 200 15.92 -38.00 2.60
C VAL C 200 14.53 -38.21 2.00
N THR C 201 13.58 -37.36 2.37
CA THR C 201 12.22 -37.46 1.86
C THR C 201 12.01 -36.37 0.81
N HIS C 202 11.52 -36.78 -0.34
CA HIS C 202 11.26 -35.90 -1.46
C HIS C 202 9.95 -36.32 -2.09
N GLU C 203 9.01 -35.39 -2.24
CA GLU C 203 7.75 -35.68 -2.90
C GLU C 203 7.08 -36.91 -2.29
N GLY C 204 7.17 -37.04 -0.98
CA GLY C 204 6.50 -38.13 -0.28
C GLY C 204 7.17 -39.49 -0.36
N SER C 205 8.37 -39.59 -0.91
CA SER C 205 9.10 -40.85 -1.02
C SER C 205 10.47 -40.68 -0.38
N THR C 206 10.96 -41.70 0.31
CA THR C 206 12.18 -41.60 1.09
C THR C 206 13.31 -42.44 0.49
N VAL C 207 14.51 -41.86 0.43
CA VAL C 207 15.73 -42.53 0.03
C VAL C 207 16.64 -42.56 1.25
N GLU C 208 17.13 -43.75 1.61
CA GLU C 208 17.91 -43.94 2.83
C GLU C 208 19.27 -44.54 2.49
N LYS C 209 20.33 -44.00 3.10
CA LYS C 209 21.63 -44.64 3.05
C LYS C 209 22.12 -44.86 4.48
N THR C 210 22.96 -45.89 4.66
CA THR C 210 23.44 -46.31 5.97
C THR C 210 24.94 -46.53 5.91
N VAL C 211 25.64 -46.19 6.99
CA VAL C 211 27.06 -46.49 7.11
C VAL C 211 27.32 -47.07 8.50
N ALA C 212 28.45 -47.76 8.63
CA ALA C 212 28.79 -48.44 9.88
C ALA C 212 30.25 -48.23 10.21
N PRO C 213 30.62 -48.31 11.48
CA PRO C 213 32.05 -48.14 11.84
C PRO C 213 32.89 -49.31 11.34
N THR C 214 34.17 -49.04 11.13
CA THR C 214 35.14 -50.06 10.80
C THR C 214 35.98 -50.34 12.04
N THR D 7 -11.16 57.05 2.36
CA THR D 7 -11.81 56.42 1.22
C THR D 7 -11.09 55.16 0.78
N ASN D 8 -10.79 54.29 1.74
CA ASN D 8 -10.16 53.00 1.44
C ASN D 8 -11.07 52.16 0.56
N LEU D 9 -10.46 51.44 -0.39
CA LEU D 9 -11.18 50.51 -1.25
C LEU D 9 -11.02 49.09 -0.73
N CYS D 10 -12.10 48.32 -0.79
CA CYS D 10 -12.08 46.98 -0.22
C CYS D 10 -11.11 46.09 -0.98
N PRO D 11 -10.31 45.27 -0.29
CA PRO D 11 -9.28 44.46 -0.97
C PRO D 11 -9.83 43.17 -1.54
N PHE D 12 -10.60 43.30 -2.62
CA PHE D 12 -11.12 42.16 -3.36
C PHE D 12 -10.10 41.63 -4.38
N ASP D 13 -9.26 42.52 -4.93
CA ASP D 13 -8.23 42.08 -5.86
C ASP D 13 -7.29 41.07 -5.19
N GLU D 14 -6.94 41.29 -3.93
CA GLU D 14 -6.01 40.41 -3.24
C GLU D 14 -6.58 39.01 -3.03
N VAL D 15 -7.90 38.87 -3.05
CA VAL D 15 -8.53 37.58 -2.79
C VAL D 15 -8.76 36.80 -4.09
N PHE D 16 -9.36 37.44 -5.08
CA PHE D 16 -9.64 36.75 -6.34
C PHE D 16 -8.37 36.51 -7.14
N ASN D 17 -7.47 37.49 -7.19
CA ASN D 17 -6.28 37.43 -8.03
C ASN D 17 -5.05 36.94 -7.26
N ALA D 18 -5.23 36.23 -6.15
CA ALA D 18 -4.10 35.66 -5.45
C ALA D 18 -3.45 34.56 -6.29
N THR D 19 -2.12 34.56 -6.32
CA THR D 19 -1.41 33.58 -7.14
C THR D 19 -1.55 32.16 -6.59
N ARG D 20 -1.66 32.02 -5.27
CA ARG D 20 -1.81 30.70 -4.65
C ARG D 20 -3.01 30.71 -3.73
N PHE D 21 -3.82 29.66 -3.82
CA PHE D 21 -4.99 29.48 -2.97
C PHE D 21 -4.71 28.44 -1.89
N ALA D 22 -5.53 28.47 -0.85
CA ALA D 22 -5.37 27.55 0.27
C ALA D 22 -6.09 26.24 0.00
N SER D 23 -5.65 25.20 0.70
CA SER D 23 -6.37 23.93 0.67
C SER D 23 -7.72 24.10 1.37
N VAL D 24 -8.68 23.27 0.96
CA VAL D 24 -10.05 23.44 1.46
C VAL D 24 -10.12 23.14 2.95
N TYR D 25 -9.33 22.17 3.44
CA TYR D 25 -9.36 21.86 4.86
C TYR D 25 -8.79 23.00 5.70
N ALA D 26 -7.82 23.73 5.16
CA ALA D 26 -7.25 24.89 5.83
C ALA D 26 -7.64 26.16 5.08
N TRP D 27 -8.93 26.31 4.81
CA TRP D 27 -9.42 27.41 3.99
C TRP D 27 -9.07 28.75 4.62
N ASN D 28 -8.72 29.71 3.76
CA ASN D 28 -8.34 31.05 4.21
C ASN D 28 -9.56 31.96 4.29
N ARG D 29 -9.48 32.93 5.20
CA ARG D 29 -10.52 33.94 5.36
C ARG D 29 -9.86 35.31 5.47
N LYS D 30 -10.35 36.26 4.69
CA LYS D 30 -9.89 37.64 4.70
C LYS D 30 -11.00 38.51 5.27
N ARG D 31 -10.73 39.18 6.37
CA ARG D 31 -11.71 40.07 6.99
C ARG D 31 -11.67 41.42 6.30
N ILE D 32 -12.82 41.87 5.78
CA ILE D 32 -12.93 43.10 5.02
C ILE D 32 -13.88 44.03 5.76
N SER D 33 -13.38 45.21 6.13
CA SER D 33 -14.16 46.16 6.92
C SER D 33 -13.67 47.58 6.66
N ASN D 34 -14.59 48.53 6.82
CA ASN D 34 -14.27 49.95 6.73
C ASN D 34 -13.66 50.30 5.37
N CYS D 35 -14.46 50.11 4.33
CA CYS D 35 -14.00 50.34 2.96
C CYS D 35 -15.20 50.51 2.04
N VAL D 36 -14.92 50.99 0.83
CA VAL D 36 -15.92 51.12 -0.23
C VAL D 36 -15.69 50.00 -1.24
N ALA D 37 -16.77 49.34 -1.64
CA ALA D 37 -16.70 48.19 -2.52
C ALA D 37 -17.52 48.44 -3.79
N ASP D 38 -16.97 48.03 -4.93
CA ASP D 38 -17.72 48.04 -6.18
C ASP D 38 -18.23 46.63 -6.48
N TYR D 39 -19.21 46.23 -5.67
CA TYR D 39 -19.85 44.93 -5.82
C TYR D 39 -20.36 44.73 -7.25
N SER D 40 -21.23 45.65 -7.70
CA SER D 40 -21.83 45.54 -9.02
C SER D 40 -20.77 45.49 -10.12
N VAL D 41 -19.71 46.29 -9.99
CA VAL D 41 -18.66 46.33 -11.01
C VAL D 41 -17.73 45.14 -10.92
N LEU D 42 -17.59 44.52 -9.75
CA LEU D 42 -16.75 43.34 -9.59
C LEU D 42 -17.52 42.04 -9.70
N TYR D 43 -18.86 42.08 -9.77
CA TYR D 43 -19.66 40.87 -9.84
C TYR D 43 -20.27 40.62 -11.21
N ASN D 44 -20.14 41.54 -12.15
CA ASN D 44 -20.60 41.27 -13.50
C ASN D 44 -19.67 40.24 -14.15
N PHE D 48 -18.57 31.67 -17.77
CA PHE D 48 -17.73 30.58 -17.27
C PHE D 48 -17.44 30.69 -15.78
N PHE D 49 -18.22 31.49 -15.05
CA PHE D 49 -18.14 31.60 -13.60
C PHE D 49 -19.37 30.98 -12.97
N THR D 50 -19.16 30.14 -11.97
CA THR D 50 -20.26 29.64 -11.15
C THR D 50 -20.58 30.69 -10.10
N PHE D 51 -21.81 31.20 -10.11
CA PHE D 51 -22.20 32.31 -9.24
C PHE D 51 -23.57 32.01 -8.66
N LYS D 52 -23.62 31.72 -7.36
CA LYS D 52 -24.86 31.46 -6.65
C LYS D 52 -24.89 32.29 -5.37
N CYS D 53 -25.96 33.07 -5.19
CA CYS D 53 -26.15 33.89 -4.00
C CYS D 53 -27.29 33.34 -3.16
N TYR D 54 -27.20 33.56 -1.85
CA TYR D 54 -28.16 33.02 -0.91
C TYR D 54 -28.53 34.08 0.12
N GLY D 55 -29.82 34.26 0.33
CA GLY D 55 -30.31 35.22 1.30
C GLY D 55 -30.17 36.68 0.92
N VAL D 56 -29.56 36.98 -0.23
CA VAL D 56 -29.36 38.37 -0.64
C VAL D 56 -29.20 38.39 -2.15
N SER D 57 -29.68 39.47 -2.77
CA SER D 57 -29.65 39.67 -4.22
C SER D 57 -28.42 40.49 -4.63
N PRO D 58 -27.78 40.10 -5.73
CA PRO D 58 -26.56 40.84 -6.14
C PRO D 58 -26.84 42.26 -6.61
N THR D 59 -27.93 42.49 -7.33
CA THR D 59 -28.25 43.84 -7.79
C THR D 59 -28.57 44.79 -6.64
N LYS D 60 -28.68 44.28 -5.41
CA LYS D 60 -28.98 45.09 -4.24
C LYS D 60 -27.79 45.28 -3.31
N LEU D 61 -26.66 44.62 -3.58
CA LEU D 61 -25.52 44.72 -2.67
C LEU D 61 -24.92 46.12 -2.67
N ASN D 62 -24.99 46.83 -3.79
CA ASN D 62 -24.48 48.19 -3.84
C ASN D 62 -25.30 49.17 -3.01
N ASP D 63 -26.48 48.76 -2.54
CA ASP D 63 -27.36 49.61 -1.75
C ASP D 63 -27.38 49.25 -0.28
N LEU D 64 -26.58 48.26 0.14
CA LEU D 64 -26.60 47.77 1.51
C LEU D 64 -25.25 47.99 2.18
N CYS D 65 -25.30 48.24 3.49
CA CYS D 65 -24.11 48.29 4.34
C CYS D 65 -24.12 47.11 5.28
N PHE D 66 -22.93 46.62 5.62
CA PHE D 66 -22.79 45.46 6.48
C PHE D 66 -21.78 45.75 7.58
N THR D 67 -21.85 44.94 8.65
CA THR D 67 -20.89 45.08 9.74
C THR D 67 -19.52 44.55 9.32
N ASN D 68 -19.48 43.37 8.73
CA ASN D 68 -18.23 42.78 8.26
C ASN D 68 -18.55 41.90 7.06
N VAL D 69 -17.59 41.82 6.13
CA VAL D 69 -17.69 40.97 4.95
C VAL D 69 -16.50 40.02 4.98
N TYR D 70 -16.78 38.73 5.13
CA TYR D 70 -15.73 37.72 5.25
C TYR D 70 -15.52 37.04 3.90
N ALA D 71 -14.27 36.98 3.46
CA ALA D 71 -13.90 36.45 2.15
C ALA D 71 -13.14 35.14 2.33
N ASP D 72 -13.84 34.02 2.12
CA ASP D 72 -13.26 32.70 2.27
C ASP D 72 -12.83 32.16 0.91
N SER D 73 -11.59 31.69 0.82
CA SER D 73 -11.04 31.20 -0.43
C SER D 73 -10.33 29.87 -0.21
N PHE D 74 -10.47 28.98 -1.17
CA PHE D 74 -9.88 27.63 -1.12
C PHE D 74 -10.04 27.01 -2.50
N VAL D 75 -9.60 25.76 -2.62
CA VAL D 75 -9.62 25.03 -3.89
C VAL D 75 -10.18 23.64 -3.65
N ILE D 76 -11.16 23.26 -4.46
CA ILE D 76 -11.72 21.91 -4.51
C ILE D 76 -11.74 21.46 -5.96
N ARG D 77 -12.24 20.26 -6.20
CA ARG D 77 -12.42 19.77 -7.56
C ARG D 77 -13.85 20.03 -8.04
N GLY D 78 -14.02 19.98 -9.36
CA GLY D 78 -15.26 20.47 -9.97
C GLY D 78 -16.51 19.79 -9.44
N ASP D 79 -16.43 18.47 -9.25
CA ASP D 79 -17.61 17.73 -8.78
C ASP D 79 -18.01 18.09 -7.35
N GLU D 80 -17.19 18.86 -6.64
CA GLU D 80 -17.44 19.20 -5.24
C GLU D 80 -17.91 20.64 -5.05
N VAL D 81 -18.06 21.41 -6.14
CA VAL D 81 -18.49 22.80 -5.99
C VAL D 81 -19.93 22.87 -5.51
N ARG D 82 -20.76 21.89 -5.87
CA ARG D 82 -22.16 21.88 -5.45
C ARG D 82 -22.31 21.74 -3.94
N GLN D 83 -21.24 21.31 -3.24
CA GLN D 83 -21.31 21.18 -1.79
C GLN D 83 -21.09 22.52 -1.08
N ILE D 84 -20.39 23.46 -1.71
CA ILE D 84 -20.21 24.78 -1.12
C ILE D 84 -21.52 25.55 -1.21
N ALA D 85 -22.48 25.18 -0.37
CA ALA D 85 -23.81 25.77 -0.39
C ALA D 85 -24.50 25.41 0.93
N PRO D 86 -25.48 26.21 1.35
CA PRO D 86 -26.21 25.88 2.59
C PRO D 86 -27.01 24.60 2.44
N GLY D 87 -27.06 23.84 3.54
CA GLY D 87 -27.81 22.60 3.56
C GLY D 87 -27.28 21.52 2.63
N GLN D 88 -25.96 21.40 2.51
CA GLN D 88 -25.33 20.39 1.68
C GLN D 88 -24.55 19.40 2.53
N THR D 89 -24.45 18.17 2.05
CA THR D 89 -23.73 17.11 2.74
C THR D 89 -22.67 16.52 1.81
N GLY D 90 -21.65 15.91 2.40
CA GLY D 90 -20.55 15.35 1.64
C GLY D 90 -19.22 15.55 2.33
N ASN D 91 -18.13 15.04 1.74
CA ASN D 91 -16.83 15.13 2.41
C ASN D 91 -16.40 16.58 2.61
N ILE D 92 -16.62 17.42 1.60
CA ILE D 92 -16.21 18.82 1.70
C ILE D 92 -17.11 19.58 2.67
N ALA D 93 -18.42 19.36 2.56
CA ALA D 93 -19.35 20.13 3.39
C ALA D 93 -19.28 19.71 4.85
N ASP D 94 -19.13 18.42 5.13
CA ASP D 94 -19.13 17.93 6.49
C ASP D 94 -17.78 18.04 7.18
N TYR D 95 -16.68 17.89 6.44
CA TYR D 95 -15.37 17.75 7.05
C TYR D 95 -14.38 18.85 6.70
N ASN D 96 -14.71 19.77 5.80
CA ASN D 96 -13.73 20.76 5.36
C ASN D 96 -14.25 22.19 5.50
N TYR D 97 -15.36 22.52 4.83
CA TYR D 97 -15.88 23.88 4.85
C TYR D 97 -17.41 23.81 4.82
N LYS D 98 -18.04 24.13 5.95
CA LYS D 98 -19.49 24.05 6.09
C LYS D 98 -20.08 25.46 6.11
N LEU D 99 -21.13 25.66 5.33
CA LEU D 99 -21.92 26.88 5.34
C LEU D 99 -23.20 26.66 6.13
N PRO D 100 -23.63 27.66 6.91
CA PRO D 100 -24.83 27.49 7.73
C PRO D 100 -26.08 27.39 6.87
N ASP D 101 -27.18 26.99 7.52
CA ASP D 101 -28.44 26.85 6.80
C ASP D 101 -29.04 28.20 6.44
N ASP D 102 -28.82 29.22 7.26
CA ASP D 102 -29.29 30.58 6.99
C ASP D 102 -28.17 31.46 6.44
N PHE D 103 -27.36 30.92 5.54
CA PHE D 103 -26.21 31.64 5.01
C PHE D 103 -26.67 32.83 4.17
N THR D 104 -26.08 33.99 4.44
CA THR D 104 -26.36 35.22 3.70
C THR D 104 -25.09 35.63 2.97
N GLY D 105 -25.05 35.40 1.67
CA GLY D 105 -23.86 35.72 0.90
C GLY D 105 -23.92 35.03 -0.45
N CYS D 106 -22.78 35.09 -1.14
CA CYS D 106 -22.65 34.53 -2.48
C CYS D 106 -21.44 33.62 -2.55
N VAL D 107 -21.51 32.65 -3.45
CA VAL D 107 -20.41 31.72 -3.70
C VAL D 107 -19.98 31.90 -5.14
N ILE D 108 -18.66 31.99 -5.35
CA ILE D 108 -18.08 32.19 -6.67
C ILE D 108 -17.05 31.09 -6.92
N ALA D 109 -17.10 30.48 -8.10
CA ALA D 109 -16.17 29.42 -8.46
C ALA D 109 -15.87 29.50 -9.94
N TRP D 110 -14.65 29.14 -10.30
CA TRP D 110 -14.23 29.14 -11.69
C TRP D 110 -13.17 28.07 -11.91
N ASN D 111 -13.16 27.50 -13.10
CA ASN D 111 -12.21 26.45 -13.44
C ASN D 111 -10.80 27.03 -13.49
N SER D 112 -9.92 26.52 -12.64
CA SER D 112 -8.53 26.97 -12.58
C SER D 112 -7.58 25.85 -12.99
N ASN D 113 -7.92 25.14 -14.06
CA ASN D 113 -7.07 24.04 -14.53
C ASN D 113 -5.75 24.55 -15.10
N LYS D 114 -5.72 25.78 -15.60
CA LYS D 114 -4.51 26.37 -16.16
C LYS D 114 -3.57 26.93 -15.10
N LEU D 115 -3.97 26.90 -13.83
CA LEU D 115 -3.17 27.50 -12.76
C LEU D 115 -2.76 26.52 -11.68
N ASP D 116 -3.62 25.57 -11.33
CA ASP D 116 -3.41 24.70 -10.18
C ASP D 116 -3.16 23.24 -10.55
N SER D 117 -3.01 22.93 -11.83
CA SER D 117 -2.79 21.56 -12.28
C SER D 117 -1.42 21.44 -12.91
N LYS D 118 -0.67 20.41 -12.53
CA LYS D 118 0.67 20.16 -13.04
C LYS D 118 0.67 18.84 -13.80
N VAL D 119 1.61 18.74 -14.76
CA VAL D 119 1.73 17.53 -15.55
C VAL D 119 2.06 16.33 -14.67
N SER D 120 3.04 16.50 -13.78
CA SER D 120 3.41 15.42 -12.86
C SER D 120 2.48 15.31 -11.67
N GLY D 121 1.40 16.09 -11.63
CA GLY D 121 0.46 16.04 -10.53
C GLY D 121 0.73 17.07 -9.46
N ASN D 122 -0.25 17.92 -9.16
CA ASN D 122 -0.11 18.96 -8.14
C ASN D 122 -0.68 18.42 -6.83
N TYR D 123 0.15 17.71 -6.08
CA TYR D 123 -0.24 17.11 -4.81
C TYR D 123 -0.24 18.13 -3.67
N ASN D 124 -0.10 19.42 -3.97
CA ASN D 124 0.01 20.41 -2.90
C ASN D 124 -1.34 20.69 -2.25
N TYR D 125 -2.44 20.53 -2.98
CA TYR D 125 -3.77 20.81 -2.45
C TYR D 125 -4.30 19.58 -1.73
N LEU D 126 -4.82 19.80 -0.52
CA LEU D 126 -5.22 18.72 0.36
C LEU D 126 -6.67 18.88 0.79
N TYR D 127 -7.25 17.78 1.27
CA TYR D 127 -8.60 17.77 1.81
C TYR D 127 -8.68 16.74 2.92
N ARG D 128 -9.63 16.94 3.83
CA ARG D 128 -9.84 16.03 4.94
C ARG D 128 -10.81 14.93 4.52
N LEU D 129 -10.41 13.68 4.77
CA LEU D 129 -11.23 12.53 4.41
C LEU D 129 -11.99 11.96 5.60
N PHE D 130 -11.35 11.84 6.76
CA PHE D 130 -11.97 11.26 7.94
C PHE D 130 -12.07 12.31 9.05
N ARG D 131 -13.19 12.26 9.78
CA ARG D 131 -13.39 13.09 10.96
C ARG D 131 -14.47 12.45 11.79
N LYS D 132 -14.33 12.56 13.12
CA LYS D 132 -15.24 11.87 14.03
C LYS D 132 -16.67 12.42 13.92
N SER D 133 -16.80 13.73 13.81
CA SER D 133 -18.11 14.38 13.71
C SER D 133 -18.09 15.40 12.57
N ASN D 134 -19.25 15.98 12.29
CA ASN D 134 -19.36 16.96 11.22
C ASN D 134 -18.89 18.33 11.69
N LEU D 135 -18.43 19.15 10.74
CA LEU D 135 -18.00 20.49 11.07
C LEU D 135 -19.21 21.39 11.35
N LYS D 136 -19.05 22.26 12.33
CA LYS D 136 -20.02 23.32 12.54
C LYS D 136 -19.88 24.35 11.43
N PRO D 137 -20.89 25.20 11.23
CA PRO D 137 -20.78 26.22 10.19
C PRO D 137 -19.57 27.13 10.41
N PHE D 138 -18.79 27.32 9.34
CA PHE D 138 -17.59 28.15 9.32
C PHE D 138 -16.48 27.61 10.20
N GLU D 139 -16.49 26.31 10.49
CA GLU D 139 -15.45 25.71 11.32
C GLU D 139 -14.24 25.34 10.46
N ARG D 140 -13.04 25.59 11.00
CA ARG D 140 -11.79 25.28 10.32
C ARG D 140 -10.97 24.35 11.20
N ASP D 141 -10.77 23.13 10.75
CA ASP D 141 -10.02 22.11 11.48
C ASP D 141 -8.75 21.78 10.71
N ILE D 142 -7.61 22.24 11.21
CA ILE D 142 -6.33 21.95 10.60
C ILE D 142 -5.57 20.84 11.34
N SER D 143 -6.25 20.13 12.25
CA SER D 143 -5.60 19.04 12.97
C SER D 143 -5.33 17.87 12.02
N THR D 144 -4.16 17.26 12.20
CA THR D 144 -3.73 16.12 11.39
C THR D 144 -3.43 14.92 12.28
N GLU D 145 -4.21 14.73 13.32
CA GLU D 145 -4.03 13.58 14.20
C GLU D 145 -4.54 12.31 13.55
N ILE D 146 -3.83 11.20 13.82
CA ILE D 146 -4.18 9.92 13.22
C ILE D 146 -5.59 9.53 13.62
N TYR D 147 -6.44 9.33 12.63
CA TYR D 147 -7.86 9.04 12.88
C TYR D 147 -8.05 7.60 13.34
N GLN D 148 -8.77 7.43 14.44
CA GLN D 148 -9.06 6.10 14.98
C GLN D 148 -10.38 5.61 14.41
N ALA D 149 -10.31 4.62 13.52
CA ALA D 149 -11.48 4.00 12.92
C ALA D 149 -11.86 2.68 13.59
N GLY D 150 -11.12 2.26 14.61
CA GLY D 150 -11.41 1.03 15.32
C GLY D 150 -11.41 1.21 16.83
N ASN D 151 -11.13 0.12 17.55
CA ASN D 151 -11.13 0.17 19.02
C ASN D 151 -9.77 0.47 19.60
N LYS D 152 -8.69 0.03 18.94
CA LYS D 152 -7.37 0.17 19.55
C LYS D 152 -6.85 1.60 19.40
N PRO D 153 -6.16 2.12 20.41
CA PRO D 153 -5.61 3.48 20.30
C PRO D 153 -4.48 3.54 19.28
N CYS D 154 -4.55 4.55 18.41
CA CYS D 154 -3.56 4.67 17.35
C CYS D 154 -2.20 5.09 17.89
N ASN D 155 -2.18 6.11 18.75
CA ASN D 155 -0.94 6.63 19.32
C ASN D 155 0.01 7.11 18.22
N GLY D 156 -0.54 7.80 17.22
CA GLY D 156 0.26 8.31 16.13
C GLY D 156 0.91 7.23 15.28
N VAL D 157 0.25 6.09 15.12
CA VAL D 157 0.77 4.99 14.31
C VAL D 157 -0.17 4.78 13.13
N ALA D 158 0.34 4.96 11.93
CA ALA D 158 -0.42 4.69 10.72
C ALA D 158 -0.50 3.18 10.53
N GLY D 159 -1.62 2.60 10.94
CA GLY D 159 -1.80 1.16 10.83
C GLY D 159 -3.23 0.79 10.50
N PHE D 160 -3.60 -0.46 10.80
CA PHE D 160 -4.95 -0.92 10.52
C PHE D 160 -5.95 -0.16 11.38
N ASN D 161 -6.97 0.41 10.74
CA ASN D 161 -7.98 1.24 11.38
C ASN D 161 -7.38 2.50 12.01
N CYS D 162 -6.21 2.94 11.53
CA CYS D 162 -5.54 4.14 12.01
C CYS D 162 -4.87 4.81 10.80
N TYR D 163 -5.59 5.74 10.19
CA TYR D 163 -5.17 6.35 8.93
C TYR D 163 -4.95 7.85 9.10
N PHE D 164 -4.19 8.41 8.17
CA PHE D 164 -3.91 9.84 8.15
C PHE D 164 -5.13 10.60 7.62
N PRO D 165 -5.57 11.66 8.29
CA PRO D 165 -6.87 12.26 7.94
C PRO D 165 -6.85 13.17 6.70
N LEU D 166 -5.72 13.35 6.04
CA LEU D 166 -5.62 14.25 4.90
C LEU D 166 -5.10 13.51 3.67
N ARG D 167 -5.61 13.91 2.50
CA ARG D 167 -5.20 13.32 1.22
C ARG D 167 -4.97 14.45 0.23
N SER D 168 -4.49 14.08 -0.96
CA SER D 168 -4.10 15.04 -1.98
C SER D 168 -5.06 15.01 -3.15
N TYR D 169 -5.17 16.14 -3.84
CA TYR D 169 -6.02 16.21 -5.02
C TYR D 169 -5.30 15.76 -6.28
N SER D 170 -3.96 15.92 -6.32
CA SER D 170 -3.15 15.43 -7.43
C SER D 170 -3.65 15.97 -8.77
N PHE D 171 -3.96 17.27 -8.81
CA PHE D 171 -4.52 17.91 -9.98
C PHE D 171 -3.62 17.78 -11.20
N ARG D 172 -4.07 17.01 -12.20
CA ARG D 172 -3.40 16.86 -13.47
C ARG D 172 -4.28 17.41 -14.59
N PRO D 173 -3.68 18.08 -15.60
CA PRO D 173 -4.51 18.70 -16.64
C PRO D 173 -5.28 17.70 -17.48
N THR D 174 -4.87 16.44 -17.52
CA THR D 174 -5.54 15.42 -18.31
C THR D 174 -6.81 14.89 -17.66
N TYR D 175 -7.10 15.29 -16.42
CA TYR D 175 -8.30 14.81 -15.74
C TYR D 175 -9.55 15.38 -16.41
N GLY D 176 -10.70 14.79 -16.06
CA GLY D 176 -11.96 15.35 -16.47
C GLY D 176 -12.33 16.59 -15.66
N VAL D 177 -13.36 17.29 -16.13
CA VAL D 177 -13.79 18.52 -15.47
C VAL D 177 -14.21 18.24 -14.03
N GLY D 178 -14.80 17.08 -13.77
CA GLY D 178 -15.19 16.73 -12.41
C GLY D 178 -14.03 16.56 -11.46
N HIS D 179 -12.82 16.41 -11.99
CA HIS D 179 -11.61 16.28 -11.17
C HIS D 179 -10.63 17.42 -11.38
N GLN D 180 -11.03 18.47 -12.12
CA GLN D 180 -10.17 19.63 -12.34
C GLN D 180 -10.33 20.64 -11.22
N PRO D 181 -9.27 21.39 -10.90
CA PRO D 181 -9.35 22.32 -9.77
C PRO D 181 -10.27 23.50 -10.05
N TYR D 182 -10.97 23.93 -9.00
CA TYR D 182 -11.84 25.10 -9.05
C TYR D 182 -11.53 25.97 -7.84
N ARG D 183 -11.17 27.23 -8.09
CA ARG D 183 -10.94 28.18 -7.02
C ARG D 183 -12.27 28.78 -6.57
N VAL D 184 -12.54 28.71 -5.27
CA VAL D 184 -13.83 29.10 -4.70
C VAL D 184 -13.61 30.31 -3.80
N VAL D 185 -14.46 31.33 -3.95
CA VAL D 185 -14.44 32.51 -3.09
C VAL D 185 -15.84 32.67 -2.50
N VAL D 186 -15.96 32.54 -1.19
CA VAL D 186 -17.23 32.63 -0.49
C VAL D 186 -17.25 33.95 0.27
N LEU D 187 -18.20 34.82 -0.06
CA LEU D 187 -18.32 36.13 0.56
C LEU D 187 -19.53 36.10 1.50
N SER D 188 -19.27 36.27 2.79
CA SER D 188 -20.31 36.31 3.81
C SER D 188 -20.62 37.75 4.16
N PHE D 189 -21.91 38.07 4.23
CA PHE D 189 -22.38 39.44 4.50
C PHE D 189 -23.03 39.45 5.88
N GLU D 190 -22.31 39.99 6.85
CA GLU D 190 -22.73 39.97 8.25
C GLU D 190 -23.36 41.31 8.62
N LEU D 191 -24.47 41.25 9.35
CA LEU D 191 -25.14 42.48 9.79
C LEU D 191 -25.67 42.25 11.21
N LEU D 192 -24.78 42.40 12.20
CA LEU D 192 -25.17 42.27 13.60
C LEU D 192 -25.54 43.65 14.15
N HIS D 193 -25.11 43.95 15.37
CA HIS D 193 -25.18 45.31 15.88
C HIS D 193 -23.99 46.07 15.31
N ALA D 194 -23.18 46.70 16.17
CA ALA D 194 -21.92 47.30 15.71
C ALA D 194 -22.23 48.43 14.74
N PRO D 195 -21.24 49.07 14.12
CA PRO D 195 -21.59 49.96 13.01
C PRO D 195 -21.40 49.31 11.65
N ALA D 196 -22.25 49.69 10.70
CA ALA D 196 -22.15 49.21 9.33
C ALA D 196 -21.12 50.06 8.59
N THR D 197 -20.01 49.44 8.19
CA THR D 197 -18.88 50.13 7.58
C THR D 197 -18.60 49.72 6.14
N VAL D 198 -18.96 48.50 5.74
CA VAL D 198 -18.71 48.03 4.38
C VAL D 198 -19.95 48.35 3.56
N CYS D 199 -19.93 49.50 2.89
CA CYS D 199 -21.04 49.97 2.08
C CYS D 199 -20.68 49.91 0.61
N GLY D 200 -21.63 49.44 -0.20
CA GLY D 200 -21.38 49.31 -1.62
C GLY D 200 -21.54 50.62 -2.37
N LYS D 201 -20.73 50.78 -3.42
CA LYS D 201 -20.78 51.97 -4.26
C LYS D 201 -20.02 51.73 -5.56
#